data_4UOU
#
_entry.id   4UOU
#
_cell.length_a   47.631
_cell.length_b   140.218
_cell.length_c   78.791
_cell.angle_alpha   90.00
_cell.angle_beta   92.15
_cell.angle_gamma   90.00
#
_symmetry.space_group_name_H-M   'P 1 21 1'
#
loop_
_entity.id
_entity.type
_entity.pdbx_description
1 polymer 'FUCOSE-SPECIFIC LECTIN FLEA'
2 non-polymer DI(HYDROXYETHYL)ETHER
3 water water
#
_entity_poly.entity_id   1
_entity_poly.type   'polypeptide(L)'
_entity_poly.pdbx_seq_one_letter_code
;STPGAQQVLFRTGIAAVNSTNHLRVYFQDVYGSIRESLYEGSWANGTEKNVIGNAKLGSPVAATSKELKHIRVYTLTEGN
TLQEFAYDSGTGWYNGGLGGAKFQVAPYS(CSX)IAAVFLAGTDALQLRIYAQKPDNTIQEYMWNGDGWKEGTNLGGALP
GTGIGATSFRYTDYNGPSIRIWFQTDDLKLVQRAYDPHKGWYPDLVTIFDRAPPRTAIAATSFGAGNSSIYMRIYFVNSD
NTIWQVCWDHGKGYHDKGTITPVIQGSEVAIISWGSFANNGPDLRLYFQNGTYISAVSEWVWNRAHGSQLGRSALPPA
;
_entity_poly.pdbx_strand_id   A,B,C,D
#
# COMPACT_ATOMS: atom_id res chain seq x y z
N SER A 1 -10.95 -5.13 -34.05
CA SER A 1 -10.47 -3.75 -34.39
C SER A 1 -10.93 -3.35 -35.83
N THR A 2 -10.54 -2.14 -36.24
CA THR A 2 -10.75 -1.66 -37.59
C THR A 2 -9.42 -1.09 -38.08
N PRO A 3 -9.33 -0.70 -39.35
CA PRO A 3 -8.05 -0.05 -39.73
C PRO A 3 -7.82 1.27 -39.01
N GLY A 4 -8.90 2.07 -38.91
CA GLY A 4 -8.89 3.31 -38.15
C GLY A 4 -8.36 3.14 -36.75
N ALA A 5 -9.00 2.30 -35.96
CA ALA A 5 -8.54 2.12 -34.59
C ALA A 5 -7.09 1.72 -34.65
N GLN A 6 -6.77 0.83 -35.58
CA GLN A 6 -5.41 0.32 -35.64
C GLN A 6 -4.36 1.41 -35.85
N GLN A 7 -4.77 2.57 -36.34
CA GLN A 7 -3.83 3.70 -36.52
C GLN A 7 -3.52 4.45 -35.22
N VAL A 8 -4.31 4.26 -34.16
CA VAL A 8 -4.10 5.02 -32.91
C VAL A 8 -3.07 4.31 -32.07
N LEU A 9 -2.02 5.02 -31.67
CA LEU A 9 -1.00 4.48 -30.84
C LEU A 9 -1.56 3.93 -29.51
N PHE A 10 -1.05 2.76 -29.13
CA PHE A 10 -1.41 2.13 -27.86
C PHE A 10 -0.74 2.99 -26.81
N ARG A 11 -1.56 3.57 -25.92
CA ARG A 11 -1.08 4.41 -24.82
C ARG A 11 -0.60 5.76 -25.33
N THR A 12 -1.22 6.18 -26.43
CA THR A 12 -1.01 7.47 -26.97
C THR A 12 -1.30 8.61 -26.01
N GLY A 13 -0.65 9.73 -26.26
CA GLY A 13 -0.99 10.96 -25.58
C GLY A 13 -2.36 11.40 -26.06
N ILE A 14 -3.13 11.92 -25.13
CA ILE A 14 -4.41 12.48 -25.39
C ILE A 14 -4.51 13.88 -24.79
N ALA A 15 -4.94 14.83 -25.61
CA ALA A 15 -5.36 16.16 -25.11
C ALA A 15 -6.66 16.53 -25.80
N ALA A 16 -7.36 17.47 -25.19
CA ALA A 16 -8.61 17.99 -25.74
C ALA A 16 -8.80 19.46 -25.39
N VAL A 17 -9.51 20.15 -26.28
CA VAL A 17 -9.91 21.54 -26.07
C VAL A 17 -11.36 21.73 -26.43
N ASN A 18 -11.96 22.78 -25.91
CA ASN A 18 -13.34 23.06 -26.24
C ASN A 18 -13.66 24.51 -26.18
N SER A 19 -14.79 24.81 -26.81
CA SER A 19 -15.57 26.02 -26.68
C SER A 19 -16.97 25.46 -26.44
N THR A 20 -17.42 25.61 -25.19
CA THR A 20 -18.54 24.90 -24.63
C THR A 20 -18.65 23.51 -25.25
N ASN A 21 -19.73 23.19 -25.94
CA ASN A 21 -19.96 21.81 -26.41
C ASN A 21 -19.20 21.40 -27.71
N HIS A 22 -18.52 22.33 -28.37
CA HIS A 22 -17.71 22.01 -29.57
C HIS A 22 -16.30 21.61 -29.16
N LEU A 23 -15.86 20.44 -29.60
CA LEU A 23 -14.72 19.75 -29.00
C LEU A 23 -13.72 19.30 -30.01
N ARG A 24 -12.45 19.42 -29.64
CA ARG A 24 -11.38 18.75 -30.37
C ARG A 24 -10.57 17.81 -29.44
N VAL A 25 -10.20 16.65 -29.97
CA VAL A 25 -9.36 15.66 -29.27
C VAL A 25 -8.04 15.49 -30.02
N TYR A 26 -6.93 15.48 -29.28
CA TYR A 26 -5.59 15.38 -29.91
C TYR A 26 -4.95 14.04 -29.52
N PHE A 27 -4.41 13.35 -30.52
CA PHE A 27 -3.65 12.10 -30.30
C PHE A 27 -2.54 11.89 -31.29
N GLN A 28 -1.78 10.83 -31.04
CA GLN A 28 -0.69 10.41 -31.89
C GLN A 28 -1.03 9.09 -32.54
N ASP A 29 -0.81 9.04 -33.85
CA ASP A 29 -0.98 7.81 -34.58
C ASP A 29 0.30 6.95 -34.50
N VAL A 30 0.26 5.76 -35.10
CA VAL A 30 1.38 4.82 -35.02
C VAL A 30 2.62 5.26 -35.81
N TYR A 31 2.48 6.30 -36.61
CA TYR A 31 3.59 6.79 -37.37
C TYR A 31 4.31 7.98 -36.73
N GLY A 32 3.84 8.46 -35.58
CA GLY A 32 4.39 9.68 -34.96
C GLY A 32 3.66 10.99 -35.29
N SER A 33 2.65 10.92 -36.13
CA SER A 33 1.96 12.13 -36.51
C SER A 33 0.85 12.39 -35.52
N ILE A 34 0.67 13.66 -35.20
CA ILE A 34 -0.38 14.13 -34.32
C ILE A 34 -1.56 14.57 -35.15
N ARG A 35 -2.72 14.02 -34.79
CA ARG A 35 -3.96 14.19 -35.47
C ARG A 35 -5.04 14.83 -34.58
N GLU A 36 -6.04 15.42 -35.24
CA GLU A 36 -7.16 16.05 -34.57
C GLU A 36 -8.50 15.45 -34.97
N SER A 37 -9.23 14.95 -33.99
CA SER A 37 -10.61 14.53 -34.19
C SER A 37 -11.50 15.62 -33.58
N LEU A 38 -12.77 15.64 -34.03
CA LEU A 38 -13.62 16.85 -34.06
C LEU A 38 -15.09 16.54 -33.80
N TYR A 39 -15.68 17.28 -32.86
CA TYR A 39 -17.10 17.17 -32.53
C TYR A 39 -17.77 18.54 -32.63
N GLU A 40 -18.59 18.75 -33.62
CA GLU A 40 -19.55 19.86 -33.59
C GLU A 40 -20.91 19.24 -33.87
N GLY A 41 -21.42 18.46 -32.91
CA GLY A 41 -22.69 17.72 -33.07
C GLY A 41 -22.57 16.29 -33.60
N SER A 42 -21.54 16.03 -34.40
CA SER A 42 -21.24 14.67 -34.83
C SER A 42 -19.74 14.48 -34.80
N TRP A 43 -19.30 13.28 -34.48
CA TRP A 43 -17.89 13.02 -34.46
C TRP A 43 -17.41 12.93 -35.89
N ALA A 44 -16.15 13.33 -36.11
CA ALA A 44 -15.53 13.28 -37.44
C ALA A 44 -14.01 13.48 -37.38
N ASN A 45 -13.37 13.32 -38.53
CA ASN A 45 -11.92 13.51 -38.70
C ASN A 45 -11.06 12.40 -38.08
N GLY A 46 -9.97 12.78 -37.41
CA GLY A 46 -8.96 11.82 -36.93
C GLY A 46 -8.06 11.11 -37.97
N THR A 47 -8.34 11.30 -39.27
CA THR A 47 -7.66 10.55 -40.32
C THR A 47 -6.25 11.10 -40.66
N GLU A 48 -5.54 10.33 -41.49
CA GLU A 48 -4.32 10.77 -42.20
C GLU A 48 -4.42 12.22 -42.62
N LYS A 49 -5.62 12.63 -42.99
CA LYS A 49 -5.87 13.95 -43.52
C LYS A 49 -5.69 15.05 -42.45
N ASN A 50 -6.17 14.79 -41.23
CA ASN A 50 -6.26 15.78 -40.14
C ASN A 50 -5.03 15.75 -39.23
N VAL A 51 -3.88 15.89 -39.84
CA VAL A 51 -2.60 15.85 -39.13
C VAL A 51 -2.10 17.28 -38.94
N ILE A 52 -1.54 17.57 -37.79
CA ILE A 52 -1.15 18.92 -37.45
C ILE A 52 0.31 18.97 -37.04
N GLY A 53 1.08 17.99 -37.50
CA GLY A 53 2.52 17.93 -37.29
C GLY A 53 2.98 16.56 -36.84
N ASN A 54 4.27 16.47 -36.52
CA ASN A 54 4.83 15.24 -36.03
C ASN A 54 5.65 15.50 -34.82
N ALA A 55 5.80 14.42 -34.06
CA ALA A 55 6.50 14.45 -32.83
C ALA A 55 7.09 13.07 -32.72
N LYS A 56 8.01 12.93 -31.77
CA LYS A 56 8.64 11.67 -31.50
C LYS A 56 7.55 10.69 -31.04
N LEU A 57 7.67 9.44 -31.41
CA LEU A 57 6.79 8.39 -30.87
C LEU A 57 6.82 8.30 -29.32
N GLY A 58 5.66 8.09 -28.72
CA GLY A 58 5.55 8.03 -27.26
C GLY A 58 5.58 9.41 -26.60
N SER A 59 5.47 10.44 -27.43
CA SER A 59 5.60 11.81 -26.99
C SER A 59 4.41 12.22 -26.15
N PRO A 60 4.67 13.05 -25.16
CA PRO A 60 3.46 13.55 -24.52
C PRO A 60 2.74 14.43 -25.50
N VAL A 61 1.47 14.70 -25.18
CA VAL A 61 0.59 15.51 -25.97
C VAL A 61 -0.22 16.39 -25.01
N ALA A 62 -0.01 17.71 -25.08
CA ALA A 62 -0.78 18.68 -24.22
C ALA A 62 -1.48 19.71 -25.11
N ALA A 63 -2.66 20.17 -24.73
CA ALA A 63 -3.32 21.21 -25.49
C ALA A 63 -4.24 22.08 -24.64
N THR A 64 -4.39 23.34 -25.06
CA THR A 64 -5.14 24.36 -24.31
C THR A 64 -5.66 25.27 -25.38
N SER A 65 -6.72 25.98 -25.07
CA SER A 65 -7.34 26.81 -26.09
C SER A 65 -8.02 28.02 -25.49
N LYS A 66 -8.16 29.07 -26.32
CA LYS A 66 -9.07 30.20 -26.06
C LYS A 66 -10.32 30.02 -26.95
N GLU A 67 -11.36 29.43 -26.36
CA GLU A 67 -12.52 28.92 -27.10
C GLU A 67 -11.98 28.03 -28.22
N LEU A 68 -12.43 28.18 -29.47
CA LEU A 68 -11.76 27.55 -30.59
C LEU A 68 -11.23 28.59 -31.63
N LYS A 69 -10.99 29.80 -31.16
CA LYS A 69 -10.32 30.86 -31.96
C LYS A 69 -8.81 30.72 -31.84
N HIS A 70 -8.34 30.27 -30.68
CA HIS A 70 -6.91 29.95 -30.47
C HIS A 70 -6.66 28.59 -29.83
N ILE A 71 -5.96 27.75 -30.57
CA ILE A 71 -5.57 26.44 -30.07
C ILE A 71 -4.05 26.37 -30.13
N ARG A 72 -3.49 25.74 -29.12
CA ARG A 72 -2.05 25.43 -29.07
C ARG A 72 -1.90 24.01 -28.52
N VAL A 73 -1.01 23.26 -29.17
CA VAL A 73 -0.78 21.87 -28.84
C VAL A 73 0.71 21.59 -28.68
N TYR A 74 1.10 20.90 -27.61
CA TYR A 74 2.53 20.81 -27.26
C TYR A 74 3.02 19.37 -27.17
N THR A 75 4.09 19.07 -27.89
CA THR A 75 4.70 17.76 -27.85
C THR A 75 6.23 17.89 -27.78
N LEU A 76 6.94 16.76 -27.75
CA LEU A 76 8.39 16.73 -27.77
C LEU A 76 8.91 16.35 -29.17
N THR A 77 9.90 17.11 -29.67
CA THR A 77 10.64 16.78 -30.90
C THR A 77 11.36 15.42 -30.72
N GLU A 78 12.02 14.95 -31.77
CA GLU A 78 12.98 13.86 -31.67
C GLU A 78 14.26 14.26 -30.93
N GLY A 79 14.49 15.55 -30.69
CA GLY A 79 15.64 15.95 -29.92
C GLY A 79 15.25 16.34 -28.53
N ASN A 80 14.02 15.98 -28.14
CA ASN A 80 13.46 16.23 -26.84
C ASN A 80 13.53 17.68 -26.44
N THR A 81 13.18 18.53 -27.40
CA THR A 81 12.85 19.89 -27.07
C THR A 81 11.34 20.03 -27.30
N LEU A 82 10.76 21.00 -26.57
CA LEU A 82 9.37 21.33 -26.61
C LEU A 82 9.03 22.01 -27.93
N GLN A 83 7.94 21.59 -28.54
CA GLN A 83 7.43 22.27 -29.73
C GLN A 83 5.93 22.53 -29.63
N GLU A 84 5.40 23.23 -30.60
CA GLU A 84 4.05 23.75 -30.49
C GLU A 84 3.41 23.82 -31.85
N PHE A 85 2.22 23.24 -31.99
CA PHE A 85 1.42 23.45 -33.22
C PHE A 85 0.30 24.47 -32.93
N ALA A 86 0.24 25.51 -33.73
CA ALA A 86 -0.67 26.56 -33.44
C ALA A 86 -1.78 26.67 -34.48
N TYR A 87 -2.91 27.12 -33.97
CA TYR A 87 -4.08 27.39 -34.76
C TYR A 87 -4.73 28.68 -34.30
N ASP A 88 -4.88 29.61 -35.24
CA ASP A 88 -5.72 30.81 -35.05
C ASP A 88 -6.81 30.81 -36.11
N SER A 89 -7.97 31.35 -35.77
CA SER A 89 -9.05 31.49 -36.75
C SER A 89 -8.57 32.31 -37.93
N GLY A 90 -8.97 31.92 -39.12
CA GLY A 90 -8.58 32.65 -40.29
C GLY A 90 -7.15 32.42 -40.75
N THR A 91 -6.35 31.64 -40.01
CA THR A 91 -4.96 31.33 -40.44
C THR A 91 -4.70 29.82 -40.61
N GLY A 92 -5.25 29.00 -39.74
CA GLY A 92 -5.09 27.57 -39.83
C GLY A 92 -3.98 27.08 -38.94
N TRP A 93 -3.49 25.87 -39.25
CA TRP A 93 -2.37 25.25 -38.52
C TRP A 93 -0.99 25.73 -39.01
N TYR A 94 -0.08 25.92 -38.06
CA TYR A 94 1.29 26.28 -38.36
C TYR A 94 2.18 25.93 -37.19
N ASN A 95 3.45 26.13 -37.39
CA ASN A 95 4.45 25.84 -36.40
C ASN A 95 4.60 27.08 -35.48
N GLY A 96 4.34 26.89 -34.19
CA GLY A 96 4.46 27.96 -33.22
C GLY A 96 5.94 28.23 -32.95
N GLY A 97 6.25 29.34 -32.31
CA GLY A 97 7.66 29.70 -31.99
C GLY A 97 8.36 28.88 -30.91
N LEU A 98 7.60 28.16 -30.08
CA LEU A 98 8.23 27.45 -28.97
C LEU A 98 9.48 26.60 -29.40
N GLY A 99 9.40 25.87 -30.52
CA GLY A 99 10.50 25.00 -30.96
C GLY A 99 11.85 25.71 -31.20
N GLY A 100 11.77 27.02 -31.49
CA GLY A 100 12.94 27.83 -31.81
C GLY A 100 13.74 28.23 -30.59
N ALA A 101 13.13 28.09 -29.42
CA ALA A 101 13.82 28.29 -28.14
C ALA A 101 14.73 27.12 -27.82
N LYS A 102 14.35 25.96 -28.37
CA LYS A 102 15.01 24.66 -28.14
C LYS A 102 15.17 24.39 -26.67
N PHE A 103 14.05 24.36 -25.98
CA PHE A 103 14.07 24.05 -24.55
C PHE A 103 14.28 22.57 -24.35
N GLN A 104 15.49 22.18 -23.90
CA GLN A 104 15.77 20.74 -23.67
C GLN A 104 15.03 20.29 -22.42
N VAL A 105 14.42 19.12 -22.46
CA VAL A 105 13.77 18.54 -21.30
C VAL A 105 14.08 17.04 -21.21
N ALA A 106 13.77 16.43 -20.07
CA ALA A 106 13.99 14.97 -19.93
C ALA A 106 13.19 14.25 -21.03
N PRO A 107 13.76 13.21 -21.64
CA PRO A 107 13.07 12.59 -22.76
C PRO A 107 11.81 11.84 -22.35
N TYR A 108 11.70 11.52 -21.07
CA TYR A 108 10.48 10.95 -20.44
C TYR A 108 9.48 12.07 -19.89
N SER A 109 9.83 13.32 -20.12
CA SER A 109 9.03 14.42 -19.59
C SER A 109 7.64 14.45 -20.16
N ILE A 111 3.95 16.89 -20.43
CA ILE A 111 3.64 18.28 -20.64
C ILE A 111 2.24 18.57 -20.23
N ALA A 112 2.04 19.79 -19.78
CA ALA A 112 0.72 20.37 -19.65
C ALA A 112 0.82 21.82 -20.15
N ALA A 113 -0.31 22.43 -20.46
CA ALA A 113 -0.31 23.84 -20.90
C ALA A 113 -1.67 24.41 -20.56
N VAL A 114 -1.70 25.72 -20.36
CA VAL A 114 -2.93 26.47 -20.21
C VAL A 114 -2.79 27.87 -20.79
N PHE A 115 -3.89 28.36 -21.35
CA PHE A 115 -4.11 29.78 -21.48
C PHE A 115 -4.53 30.33 -20.13
N LEU A 116 -3.85 31.39 -19.67
CA LEU A 116 -4.25 32.11 -18.49
C LEU A 116 -5.65 32.74 -18.65
N ALA A 117 -6.41 32.71 -17.56
CA ALA A 117 -7.85 32.95 -17.60
C ALA A 117 -8.26 34.36 -17.16
N GLY A 118 -9.36 34.84 -17.71
CA GLY A 118 -9.92 36.13 -17.32
C GLY A 118 -9.18 37.28 -17.97
N THR A 119 -8.44 37.00 -19.05
CA THR A 119 -7.86 38.04 -19.92
C THR A 119 -8.19 37.72 -21.36
N ASP A 120 -8.13 38.73 -22.23
CA ASP A 120 -8.22 38.52 -23.70
C ASP A 120 -6.81 38.44 -24.31
N ALA A 121 -5.84 39.00 -23.59
CA ALA A 121 -4.45 38.76 -23.89
C ALA A 121 -4.18 37.25 -24.00
N LEU A 122 -3.38 36.86 -25.00
CA LEU A 122 -2.93 35.50 -25.15
C LEU A 122 -1.69 35.35 -24.27
N GLN A 123 -1.90 34.78 -23.09
CA GLN A 123 -0.83 34.54 -22.15
C GLN A 123 -0.82 33.03 -21.88
N LEU A 124 0.36 32.42 -22.05
CA LEU A 124 0.49 30.97 -22.01
C LEU A 124 1.48 30.56 -20.92
N ARG A 125 1.24 29.35 -20.42
CA ARG A 125 2.04 28.73 -19.39
C ARG A 125 2.13 27.23 -19.66
N ILE A 126 3.33 26.74 -20.01
CA ILE A 126 3.58 25.35 -20.30
C ILE A 126 4.33 24.84 -19.12
N TYR A 127 4.06 23.60 -18.72
CA TYR A 127 4.81 22.93 -17.64
C TYR A 127 5.42 21.60 -18.09
N ALA A 128 6.69 21.40 -17.77
CA ALA A 128 7.47 20.21 -18.12
C ALA A 128 8.63 19.97 -17.16
N GLN A 129 9.27 18.81 -17.35
CA GLN A 129 10.24 18.26 -16.45
C GLN A 129 11.56 18.26 -17.13
N LYS A 130 12.45 19.10 -16.65
CA LYS A 130 13.82 19.13 -17.08
C LYS A 130 14.53 17.84 -16.71
N PRO A 131 15.75 17.63 -17.27
CA PRO A 131 16.50 16.41 -16.99
C PRO A 131 17.01 16.22 -15.56
N ASP A 132 16.85 17.21 -14.70
CA ASP A 132 17.16 17.07 -13.29
C ASP A 132 15.90 16.74 -12.46
N ASN A 133 14.76 16.59 -13.16
CA ASN A 133 13.48 16.12 -12.58
C ASN A 133 12.63 17.17 -11.86
N THR A 134 13.07 18.42 -11.99
CA THR A 134 12.30 19.54 -11.60
C THR A 134 11.32 19.90 -12.69
N ILE A 135 10.19 20.42 -12.23
CA ILE A 135 9.08 20.91 -13.03
C ILE A 135 9.34 22.40 -13.31
N GLN A 136 9.60 22.69 -14.58
CA GLN A 136 9.91 24.02 -15.03
C GLN A 136 8.68 24.64 -15.65
N GLU A 137 8.47 25.90 -15.36
CA GLU A 137 7.41 26.64 -16.03
C GLU A 137 7.98 27.47 -17.18
N TYR A 138 7.31 27.45 -18.33
CA TYR A 138 7.69 28.28 -19.49
C TYR A 138 6.55 29.25 -19.83
N MET A 139 6.87 30.55 -19.85
CA MET A 139 5.91 31.64 -20.08
C MET A 139 5.96 32.18 -21.50
N TRP A 140 4.78 32.45 -22.06
CA TRP A 140 4.61 33.39 -23.18
C TRP A 140 3.64 34.47 -22.73
N ASN A 141 4.11 35.72 -22.84
CA ASN A 141 3.40 36.91 -22.39
C ASN A 141 3.38 37.96 -23.49
N GLY A 142 3.47 37.53 -24.74
CA GLY A 142 3.62 38.43 -25.90
C GLY A 142 5.02 38.98 -26.20
N ASP A 143 6.04 38.60 -25.41
CA ASP A 143 7.43 39.16 -25.55
C ASP A 143 8.47 38.03 -25.71
N GLY A 144 8.01 36.90 -26.26
CA GLY A 144 8.90 35.76 -26.44
C GLY A 144 8.73 34.73 -25.35
N TRP A 145 9.14 33.51 -25.65
CA TRP A 145 9.10 32.41 -24.68
C TRP A 145 10.25 32.62 -23.73
N LYS A 146 9.98 32.51 -22.44
CA LYS A 146 11.06 32.57 -21.48
C LYS A 146 10.73 31.66 -20.32
N GLU A 147 11.77 31.15 -19.67
CA GLU A 147 11.61 30.30 -18.51
C GLU A 147 10.98 31.13 -17.44
N GLY A 148 10.17 30.48 -16.61
CA GLY A 148 9.53 31.12 -15.49
C GLY A 148 9.96 30.43 -14.24
N THR A 149 9.02 30.21 -13.33
CA THR A 149 9.33 29.63 -12.04
C THR A 149 9.55 28.11 -12.11
N ASN A 150 10.54 27.65 -11.36
CA ASN A 150 10.71 26.21 -11.13
C ASN A 150 10.02 25.81 -9.83
N LEU A 151 9.15 24.81 -9.97
CA LEU A 151 8.28 24.33 -8.92
C LEU A 151 8.86 23.15 -8.19
N GLY A 152 10.03 22.66 -8.60
CA GLY A 152 10.70 21.62 -7.86
C GLY A 152 10.69 20.23 -8.49
N GLY A 153 11.34 19.33 -7.75
CA GLY A 153 11.48 17.93 -8.13
C GLY A 153 10.23 17.10 -8.00
N ALA A 154 10.04 16.24 -9.00
CA ALA A 154 8.97 15.30 -9.05
C ALA A 154 9.52 13.96 -9.52
N LEU A 155 8.69 12.95 -9.53
CA LEU A 155 9.04 11.63 -10.04
C LEU A 155 9.51 11.75 -11.49
N PRO A 156 10.59 11.04 -11.87
CA PRO A 156 11.00 11.14 -13.28
C PRO A 156 9.91 10.52 -14.20
N GLY A 157 9.37 11.33 -15.09
CA GLY A 157 8.28 10.91 -15.98
C GLY A 157 6.90 11.02 -15.35
N THR A 158 6.81 11.79 -14.26
CA THR A 158 5.53 12.16 -13.64
C THR A 158 4.52 12.77 -14.59
N GLY A 159 3.22 12.56 -14.32
CA GLY A 159 2.13 13.13 -15.10
C GLY A 159 2.04 14.55 -14.63
N ILE A 160 1.56 15.46 -15.49
CA ILE A 160 1.46 16.84 -15.07
C ILE A 160 0.10 17.32 -15.49
N GLY A 161 -0.69 17.67 -14.48
CA GLY A 161 -2.01 18.25 -14.70
C GLY A 161 -1.95 19.73 -14.47
N ALA A 162 -2.67 20.51 -15.27
CA ALA A 162 -2.72 21.96 -15.11
C ALA A 162 -4.09 22.47 -15.46
N THR A 163 -4.44 23.59 -14.83
CA THR A 163 -5.65 24.39 -15.03
C THR A 163 -5.44 25.82 -14.52
N SER A 164 -6.20 26.75 -15.10
CA SER A 164 -6.28 28.13 -14.62
C SER A 164 -7.70 28.64 -14.67
N PHE A 165 -7.96 29.58 -13.81
CA PHE A 165 -9.27 30.14 -13.62
C PHE A 165 -9.04 31.56 -13.04
N ARG A 166 -10.08 32.38 -13.07
CA ARG A 166 -9.99 33.71 -12.46
C ARG A 166 -11.11 33.92 -11.47
N TYR A 167 -10.72 34.07 -10.20
CA TYR A 167 -11.62 34.53 -9.14
C TYR A 167 -12.14 35.88 -9.61
N THR A 168 -13.45 36.04 -9.61
CA THR A 168 -14.08 37.25 -10.16
C THR A 168 -13.90 38.49 -9.23
N ASP A 169 -13.40 38.24 -8.02
CA ASP A 169 -13.08 39.32 -7.10
C ASP A 169 -11.64 39.75 -7.24
N TYR A 170 -10.76 38.89 -7.78
CA TYR A 170 -9.31 39.17 -7.83
C TYR A 170 -8.82 39.75 -9.18
N ASN A 171 -7.55 40.13 -9.24
CA ASN A 171 -7.02 40.95 -10.35
C ASN A 171 -6.31 40.19 -11.49
N GLY A 172 -6.09 38.89 -11.32
CA GLY A 172 -5.44 38.11 -12.36
C GLY A 172 -5.71 36.64 -12.21
N PRO A 173 -5.10 35.84 -13.07
CA PRO A 173 -5.54 34.46 -13.12
C PRO A 173 -4.94 33.66 -11.98
N SER A 174 -5.67 32.63 -11.55
CA SER A 174 -5.03 31.59 -10.76
C SER A 174 -4.61 30.41 -11.62
N ILE A 175 -3.59 29.70 -11.12
CA ILE A 175 -3.10 28.46 -11.76
C ILE A 175 -2.93 27.43 -10.69
N ARG A 176 -3.24 26.19 -11.03
CA ARG A 176 -3.03 25.05 -10.14
C ARG A 176 -2.37 23.93 -10.94
N ILE A 177 -1.30 23.36 -10.39
CA ILE A 177 -0.59 22.28 -11.04
C ILE A 177 -0.50 21.07 -10.13
N TRP A 178 -0.52 19.91 -10.73
CA TRP A 178 -0.54 18.63 -10.01
C TRP A 178 0.42 17.63 -10.64
N PHE A 179 1.24 16.99 -9.80
CA PHE A 179 2.18 16.00 -10.26
C PHE A 179 2.46 15.02 -9.15
N GLN A 180 3.41 14.12 -9.42
CA GLN A 180 3.69 13.01 -8.57
C GLN A 180 5.06 13.18 -8.02
N THR A 181 5.26 12.96 -6.73
CA THR A 181 6.58 13.11 -6.15
C THR A 181 7.27 11.78 -6.05
N ASP A 182 8.56 11.84 -5.70
CA ASP A 182 9.38 10.65 -5.47
C ASP A 182 8.72 9.61 -4.55
N ASP A 183 8.04 10.05 -3.50
CA ASP A 183 7.39 9.11 -2.61
C ASP A 183 6.15 8.49 -3.18
N LEU A 184 5.83 8.76 -4.45
CA LEU A 184 4.60 8.25 -5.16
C LEU A 184 3.29 8.92 -4.81
N LYS A 185 3.28 9.81 -3.80
CA LYS A 185 2.15 10.79 -3.59
C LYS A 185 1.82 11.56 -4.86
N LEU A 186 0.59 12.02 -4.97
CA LEU A 186 0.16 13.04 -5.93
C LEU A 186 -0.04 14.30 -5.16
N VAL A 187 0.60 15.37 -5.61
CA VAL A 187 0.50 16.68 -4.97
C VAL A 187 0.08 17.83 -5.93
N GLN A 188 -0.46 18.89 -5.31
CA GLN A 188 -0.83 20.16 -5.96
C GLN A 188 0.13 21.31 -5.62
N ARG A 189 0.45 22.14 -6.62
CA ARG A 189 1.01 23.46 -6.32
C ARG A 189 0.07 24.53 -6.80
N ALA A 190 0.09 25.67 -6.12
CA ALA A 190 -0.92 26.71 -6.36
C ALA A 190 -0.35 28.09 -6.60
N TYR A 191 -0.92 28.81 -7.55
CA TYR A 191 -0.55 30.19 -7.82
C TYR A 191 -1.78 31.04 -7.73
N ASP A 192 -1.74 32.10 -6.91
CA ASP A 192 -2.81 33.09 -6.87
C ASP A 192 -2.26 34.47 -7.15
N PRO A 193 -3.06 35.34 -7.78
CA PRO A 193 -2.53 36.63 -8.18
C PRO A 193 -1.99 37.48 -7.01
N HIS A 194 -2.83 37.70 -6.02
CA HIS A 194 -2.42 38.50 -4.86
C HIS A 194 -1.13 38.04 -4.17
N LYS A 195 -0.76 36.78 -4.37
CA LYS A 195 0.35 36.17 -3.61
C LYS A 195 1.40 35.36 -4.37
N GLY A 196 1.37 35.34 -5.69
CA GLY A 196 2.30 34.50 -6.45
C GLY A 196 2.11 33.02 -6.14
N TRP A 197 3.17 32.26 -6.39
CA TRP A 197 3.22 30.83 -6.05
C TRP A 197 3.34 30.65 -4.54
N TYR A 198 2.40 29.94 -3.91
CA TYR A 198 2.56 29.55 -2.48
C TYR A 198 3.67 28.51 -2.40
N PRO A 199 4.40 28.50 -1.29
CA PRO A 199 5.52 27.58 -1.15
C PRO A 199 5.11 26.17 -0.78
N ASP A 200 3.97 25.98 -0.14
CA ASP A 200 3.58 24.63 0.27
C ASP A 200 2.98 23.79 -0.87
N LEU A 201 3.26 22.48 -0.77
CA LEU A 201 2.64 21.42 -1.58
C LEU A 201 1.51 20.80 -0.79
N VAL A 202 0.35 20.71 -1.41
CA VAL A 202 -0.78 20.03 -0.80
C VAL A 202 -0.85 18.60 -1.36
N THR A 203 -0.98 17.61 -0.50
CA THR A 203 -1.25 16.25 -0.96
C THR A 203 -2.73 16.10 -1.32
N ILE A 204 -2.98 15.40 -2.44
CA ILE A 204 -4.33 15.09 -2.94
C ILE A 204 -4.62 13.62 -3.06
N PHE A 205 -3.59 12.80 -3.30
CA PHE A 205 -3.74 11.34 -3.25
C PHE A 205 -2.49 10.78 -2.66
N ASP A 206 -2.64 9.78 -1.79
CA ASP A 206 -1.55 9.27 -0.96
C ASP A 206 -0.49 8.41 -1.68
N ARG A 207 -0.92 7.55 -2.61
CA ARG A 207 -0.02 6.67 -3.37
C ARG A 207 -0.64 6.35 -4.74
N ALA A 208 0.09 6.57 -5.84
CA ALA A 208 -0.46 6.27 -7.19
C ALA A 208 0.61 5.49 -7.95
N PRO A 209 0.23 4.79 -9.02
CA PRO A 209 1.25 4.11 -9.81
C PRO A 209 2.32 5.06 -10.33
N PRO A 210 3.55 4.55 -10.46
CA PRO A 210 4.64 5.37 -10.96
C PRO A 210 4.33 5.90 -12.36
N ARG A 211 4.42 7.20 -12.53
CA ARG A 211 4.20 7.84 -13.83
C ARG A 211 2.77 7.74 -14.27
N THR A 212 1.82 7.58 -13.35
CA THR A 212 0.44 7.52 -13.75
C THR A 212 0.09 8.79 -14.49
N ALA A 213 -0.84 8.69 -15.44
CA ALA A 213 -1.36 9.89 -16.12
C ALA A 213 -2.05 10.85 -15.14
N ILE A 214 -1.87 12.16 -15.31
CA ILE A 214 -2.59 13.15 -14.49
C ILE A 214 -3.23 14.22 -15.40
N ALA A 215 -4.50 14.54 -15.17
CA ALA A 215 -5.21 15.51 -16.02
C ALA A 215 -6.21 16.26 -15.19
N ALA A 216 -6.36 17.57 -15.43
CA ALA A 216 -7.13 18.40 -14.53
C ALA A 216 -7.97 19.50 -15.18
N THR A 217 -9.11 19.79 -14.57
CA THR A 217 -9.90 20.94 -15.01
C THR A 217 -10.52 21.60 -13.80
N SER A 218 -11.07 22.77 -14.09
CA SER A 218 -11.80 23.57 -13.14
C SER A 218 -12.87 24.36 -13.93
N PHE A 219 -13.89 24.82 -13.21
CA PHE A 219 -15.06 25.45 -13.80
C PHE A 219 -15.84 26.20 -12.71
N GLY A 220 -16.78 27.04 -13.10
CA GLY A 220 -17.70 27.71 -12.14
C GLY A 220 -17.02 28.66 -11.18
N ALA A 221 -16.01 29.37 -11.66
CA ALA A 221 -15.29 30.33 -10.84
C ALA A 221 -16.22 31.45 -10.38
N GLY A 222 -16.23 31.73 -9.08
CA GLY A 222 -16.93 32.88 -8.56
C GLY A 222 -16.01 33.75 -7.74
N ASN A 223 -16.61 34.54 -6.84
CA ASN A 223 -15.83 35.30 -5.87
C ASN A 223 -15.13 34.38 -4.87
N SER A 224 -13.81 34.28 -4.98
CA SER A 224 -13.06 33.45 -4.04
C SER A 224 -13.63 32.02 -3.99
N SER A 225 -14.25 31.61 -5.10
CA SER A 225 -14.84 30.27 -5.19
C SER A 225 -14.46 29.62 -6.51
N ILE A 226 -14.28 28.33 -6.48
CA ILE A 226 -13.95 27.58 -7.68
C ILE A 226 -14.37 26.13 -7.51
N TYR A 227 -14.44 25.39 -8.61
CA TYR A 227 -14.57 23.92 -8.60
C TYR A 227 -13.49 23.27 -9.47
N MET A 228 -12.95 22.14 -9.00
CA MET A 228 -11.87 21.46 -9.66
C MET A 228 -12.07 19.97 -9.67
N ARG A 229 -11.56 19.35 -10.71
CA ARG A 229 -11.62 17.91 -10.78
C ARG A 229 -10.25 17.39 -11.23
N ILE A 230 -9.68 16.47 -10.49
CA ILE A 230 -8.39 15.89 -10.94
C ILE A 230 -8.55 14.40 -11.25
N TYR A 231 -7.94 13.94 -12.34
CA TYR A 231 -8.05 12.55 -12.70
C TYR A 231 -6.67 11.89 -12.86
N PHE A 232 -6.62 10.60 -12.53
CA PHE A 232 -5.40 9.83 -12.70
C PHE A 232 -5.77 8.38 -12.84
N VAL A 233 -4.79 7.57 -13.18
CA VAL A 233 -5.04 6.14 -13.32
C VAL A 233 -4.43 5.46 -12.14
N ASN A 234 -5.26 4.72 -11.41
CA ASN A 234 -4.91 4.14 -10.10
C ASN A 234 -4.59 2.67 -10.24
N SER A 235 -4.02 2.09 -9.19
CA SER A 235 -3.44 0.76 -9.24
C SER A 235 -4.41 -0.31 -9.77
N ASP A 236 -5.71 -0.02 -9.78
CA ASP A 236 -6.78 -0.97 -10.14
C ASP A 236 -7.17 -0.93 -11.63
N ASN A 237 -6.31 -0.32 -12.45
CA ASN A 237 -6.56 -0.09 -13.88
C ASN A 237 -7.86 0.64 -14.14
N THR A 238 -8.10 1.72 -13.39
CA THR A 238 -9.18 2.65 -13.68
C THR A 238 -8.75 4.10 -13.52
N ILE A 239 -9.43 5.04 -14.20
CA ILE A 239 -9.37 6.45 -13.80
C ILE A 239 -10.14 6.63 -12.47
N TRP A 240 -9.49 7.22 -11.47
CA TRP A 240 -10.18 7.77 -10.30
C TRP A 240 -10.29 9.29 -10.41
N GLN A 241 -11.32 9.86 -9.76
CA GLN A 241 -11.58 11.30 -9.75
C GLN A 241 -11.45 11.93 -8.36
N VAL A 242 -10.60 12.94 -8.22
CA VAL A 242 -10.52 13.73 -6.99
C VAL A 242 -11.30 15.03 -7.15
N CYS A 243 -12.19 15.31 -6.20
CA CYS A 243 -13.08 16.49 -6.26
C CYS A 243 -12.59 17.60 -5.31
N TRP A 244 -12.54 18.82 -5.83
CA TRP A 244 -12.46 20.01 -4.99
C TRP A 244 -13.75 20.71 -5.25
N ASP A 245 -14.64 20.80 -4.26
CA ASP A 245 -15.84 21.65 -4.38
C ASP A 245 -15.66 22.85 -3.44
N HIS A 246 -16.02 24.06 -3.91
CA HIS A 246 -16.00 25.23 -3.05
C HIS A 246 -16.90 24.96 -1.88
N GLY A 247 -16.37 25.21 -0.69
CA GLY A 247 -17.13 24.99 0.54
C GLY A 247 -16.86 23.63 1.15
N LYS A 248 -16.33 22.72 0.35
CA LYS A 248 -15.96 21.38 0.80
C LYS A 248 -14.46 21.08 0.74
N GLY A 249 -13.74 21.75 -0.18
CA GLY A 249 -12.31 21.49 -0.38
C GLY A 249 -12.07 20.15 -1.06
N TYR A 250 -11.00 19.48 -0.67
CA TYR A 250 -10.75 18.13 -1.17
C TYR A 250 -11.55 17.16 -0.30
N HIS A 251 -12.79 16.92 -0.74
CA HIS A 251 -13.83 16.25 0.06
C HIS A 251 -14.23 14.87 -0.48
N ASP A 252 -13.73 14.50 -1.65
CA ASP A 252 -14.16 13.26 -2.27
C ASP A 252 -13.20 12.77 -3.31
N LYS A 253 -13.06 11.44 -3.37
CA LYS A 253 -12.45 10.78 -4.50
C LYS A 253 -12.94 9.35 -4.65
N GLY A 254 -13.02 8.91 -5.89
CA GLY A 254 -13.19 7.51 -6.20
C GLY A 254 -13.06 7.18 -7.66
N THR A 255 -13.22 5.90 -7.95
CA THR A 255 -13.14 5.36 -9.29
C THR A 255 -14.30 5.86 -10.16
N ILE A 256 -14.04 5.94 -11.47
CA ILE A 256 -14.98 6.43 -12.47
C ILE A 256 -15.22 5.40 -13.56
N THR A 257 -14.15 4.96 -14.25
CA THR A 257 -14.30 3.95 -15.34
C THR A 257 -12.99 3.22 -15.63
N PRO A 258 -13.09 1.96 -16.15
CA PRO A 258 -11.87 1.24 -16.46
C PRO A 258 -11.12 1.76 -17.64
N VAL A 259 -9.81 1.54 -17.61
CA VAL A 259 -8.94 1.89 -18.71
C VAL A 259 -7.97 0.75 -18.90
N ILE A 260 -7.28 0.80 -20.03
CA ILE A 260 -6.24 -0.15 -20.30
C ILE A 260 -5.11 0.20 -19.38
N GLN A 261 -4.34 -0.81 -19.03
CA GLN A 261 -3.11 -0.61 -18.29
C GLN A 261 -2.36 0.57 -18.90
N GLY A 262 -1.77 1.39 -18.05
CA GLY A 262 -0.97 2.56 -18.51
C GLY A 262 -1.66 3.63 -19.39
N SER A 263 -2.98 3.60 -19.52
CA SER A 263 -3.69 4.51 -20.45
C SER A 263 -3.46 5.96 -20.14
N GLU A 264 -3.42 6.81 -21.15
CA GLU A 264 -3.38 8.24 -20.84
C GLU A 264 -4.81 8.81 -20.63
N VAL A 265 -4.85 10.08 -20.23
CA VAL A 265 -6.11 10.75 -19.92
C VAL A 265 -6.17 12.24 -20.30
N ALA A 266 -7.33 12.70 -20.76
CA ALA A 266 -7.58 14.16 -20.90
C ALA A 266 -8.99 14.50 -20.52
N ILE A 267 -9.14 15.73 -20.06
CA ILE A 267 -10.37 16.21 -19.49
C ILE A 267 -10.62 17.61 -19.97
N ILE A 268 -11.87 17.91 -20.31
CA ILE A 268 -12.32 19.26 -20.55
C ILE A 268 -13.63 19.43 -19.87
N SER A 269 -14.00 20.68 -19.67
CA SER A 269 -15.19 21.07 -18.90
C SER A 269 -15.79 22.38 -19.43
N TRP A 270 -17.02 22.69 -19.02
CA TRP A 270 -17.65 23.98 -19.32
C TRP A 270 -18.92 24.11 -18.50
N GLY A 271 -19.36 25.36 -18.36
CA GLY A 271 -20.59 25.68 -17.69
C GLY A 271 -20.31 25.78 -16.22
N SER A 272 -21.36 25.53 -15.44
CA SER A 272 -21.31 25.63 -13.97
C SER A 272 -22.62 25.12 -13.38
N PHE A 273 -22.55 24.68 -12.12
CA PHE A 273 -23.71 24.28 -11.33
C PHE A 273 -24.77 25.39 -11.30
N ALA A 274 -24.31 26.64 -11.31
CA ALA A 274 -25.21 27.80 -11.32
C ALA A 274 -26.05 27.99 -12.58
N ASN A 275 -25.70 27.34 -13.69
CA ASN A 275 -26.38 27.54 -14.99
C ASN A 275 -26.64 26.25 -15.81
N ASN A 276 -27.26 25.25 -15.16
CA ASN A 276 -27.70 24.01 -15.83
C ASN A 276 -26.55 23.10 -16.28
N GLY A 277 -25.54 22.98 -15.42
CA GLY A 277 -24.36 22.16 -15.71
C GLY A 277 -23.77 21.59 -14.44
N PRO A 278 -22.44 21.37 -14.42
CA PRO A 278 -21.46 21.55 -15.49
C PRO A 278 -21.43 20.36 -16.42
N ASP A 279 -20.67 20.48 -17.50
CA ASP A 279 -20.44 19.37 -18.43
C ASP A 279 -19.01 18.97 -18.32
N LEU A 280 -18.76 17.66 -18.29
CA LEU A 280 -17.42 17.10 -18.22
C LEU A 280 -17.29 16.01 -19.28
N ARG A 281 -16.22 16.06 -20.08
CA ARG A 281 -15.87 15.01 -21.04
C ARG A 281 -14.46 14.50 -20.77
N LEU A 282 -14.36 13.17 -20.61
CA LEU A 282 -13.08 12.46 -20.41
C LEU A 282 -12.69 11.59 -21.60
N TYR A 283 -11.41 11.58 -21.94
CA TYR A 283 -10.90 10.76 -23.06
C TYR A 283 -9.76 9.88 -22.65
N PHE A 284 -9.90 8.60 -23.01
CA PHE A 284 -8.94 7.58 -22.66
C PHE A 284 -8.98 6.37 -23.59
N GLN A 285 -8.10 5.42 -23.33
CA GLN A 285 -8.15 4.12 -23.97
C GLN A 285 -8.58 3.07 -22.96
N ASN A 286 -9.64 2.34 -23.29
CA ASN A 286 -10.13 1.24 -22.42
C ASN A 286 -10.26 -0.08 -23.15
N GLY A 287 -9.61 -0.18 -24.30
CA GLY A 287 -9.59 -1.39 -25.06
C GLY A 287 -10.63 -1.42 -26.14
N THR A 288 -11.40 -0.35 -26.32
CA THR A 288 -12.46 -0.39 -27.35
C THR A 288 -11.73 -0.46 -28.67
N TYR A 289 -12.22 -1.36 -29.52
CA TYR A 289 -11.54 -1.76 -30.74
C TYR A 289 -10.04 -1.97 -30.56
N ILE A 290 -9.70 -2.37 -29.34
CA ILE A 290 -8.35 -2.52 -28.85
C ILE A 290 -7.69 -1.17 -28.57
N SER A 291 -7.49 -0.38 -29.63
CA SER A 291 -6.63 0.80 -29.57
C SER A 291 -7.40 2.14 -29.64
N ALA A 292 -8.71 2.07 -29.87
CA ALA A 292 -9.49 3.28 -30.09
C ALA A 292 -9.57 4.14 -28.82
N VAL A 293 -9.74 5.44 -28.98
CA VAL A 293 -9.95 6.30 -27.85
C VAL A 293 -11.44 6.32 -27.50
N SER A 294 -11.75 6.18 -26.21
CA SER A 294 -13.13 6.24 -25.73
C SER A 294 -13.43 7.51 -24.92
N GLU A 295 -14.70 7.84 -24.89
CA GLU A 295 -15.19 9.01 -24.18
C GLU A 295 -16.05 8.63 -22.98
N TRP A 296 -15.92 9.42 -21.92
CA TRP A 296 -16.77 9.36 -20.72
C TRP A 296 -17.45 10.71 -20.49
N VAL A 297 -18.73 10.71 -20.16
CA VAL A 297 -19.56 11.92 -20.18
C VAL A 297 -20.21 12.22 -18.84
N TRP A 298 -20.21 13.51 -18.50
CA TRP A 298 -20.98 14.05 -17.39
C TRP A 298 -21.77 15.27 -17.85
N ASN A 299 -23.07 15.30 -17.54
CA ASN A 299 -23.89 16.52 -17.63
C ASN A 299 -25.02 16.44 -16.63
N ARG A 300 -25.69 17.54 -16.35
CA ARG A 300 -26.62 17.53 -15.23
C ARG A 300 -27.92 16.75 -15.54
N ALA A 301 -28.35 16.78 -16.80
CA ALA A 301 -29.58 16.11 -17.23
C ALA A 301 -29.42 14.59 -17.26
N HIS A 302 -28.47 14.15 -18.09
CA HIS A 302 -28.24 12.72 -18.35
C HIS A 302 -27.28 12.03 -17.36
N GLY A 303 -26.59 12.81 -16.56
CA GLY A 303 -25.77 12.25 -15.50
C GLY A 303 -24.44 11.75 -16.01
N SER A 304 -24.03 10.59 -15.52
CA SER A 304 -22.69 10.11 -15.76
C SER A 304 -22.74 8.76 -16.48
N GLN A 305 -21.96 8.62 -17.52
CA GLN A 305 -21.99 7.42 -18.33
C GLN A 305 -20.92 7.49 -19.42
N LEU A 306 -20.67 6.37 -20.09
CA LEU A 306 -19.76 6.34 -21.21
C LEU A 306 -20.44 7.03 -22.39
N GLY A 307 -19.68 7.89 -23.08
CA GLY A 307 -20.15 8.55 -24.26
C GLY A 307 -19.68 7.77 -25.47
N ARG A 308 -19.17 8.46 -26.45
CA ARG A 308 -18.78 7.80 -27.67
C ARG A 308 -17.71 6.69 -27.46
N SER A 309 -18.06 5.52 -27.99
CA SER A 309 -17.33 4.31 -27.79
C SER A 309 -15.95 4.48 -28.34
N ALA A 310 -15.90 4.87 -29.59
CA ALA A 310 -14.70 4.75 -30.40
C ALA A 310 -14.61 6.03 -31.23
N LEU A 311 -13.74 6.92 -30.78
CA LEU A 311 -13.58 8.22 -31.41
C LEU A 311 -13.02 7.94 -32.79
N PRO A 312 -13.23 8.87 -33.73
CA PRO A 312 -12.57 8.75 -35.02
C PRO A 312 -11.06 8.87 -34.88
N PRO A 313 -10.32 8.15 -35.74
CA PRO A 313 -10.79 7.40 -36.95
C PRO A 313 -11.34 6.01 -36.76
N ALA A 314 -11.57 5.54 -35.55
CA ALA A 314 -12.00 4.15 -35.36
C ALA A 314 -13.29 3.92 -36.15
N SER B 1 -17.66 -9.12 12.38
CA SER B 1 -17.08 -7.84 11.84
C SER B 1 -17.51 -7.50 10.39
N THR B 2 -17.14 -6.28 9.94
CA THR B 2 -17.29 -5.82 8.55
C THR B 2 -15.96 -5.29 8.03
N PRO B 3 -15.84 -5.11 6.72
CA PRO B 3 -14.63 -4.42 6.26
C PRO B 3 -14.47 -3.08 6.93
N GLY B 4 -15.57 -2.36 7.08
CA GLY B 4 -15.52 -1.02 7.66
C GLY B 4 -15.00 -0.99 9.08
N ALA B 5 -15.51 -1.87 9.92
CA ALA B 5 -15.03 -1.94 11.30
C ALA B 5 -13.57 -2.47 11.38
N GLN B 6 -13.22 -3.37 10.48
CA GLN B 6 -11.88 -3.93 10.42
C GLN B 6 -10.83 -2.88 10.10
N GLN B 7 -11.27 -1.75 9.55
CA GLN B 7 -10.40 -0.60 9.28
C GLN B 7 -10.11 0.22 10.53
N VAL B 8 -10.89 0.02 11.60
CA VAL B 8 -10.78 0.78 12.85
C VAL B 8 -9.71 0.17 13.75
N LEU B 9 -8.72 0.96 14.14
CA LEU B 9 -7.66 0.43 15.03
C LEU B 9 -8.20 -0.09 16.38
N PHE B 10 -7.78 -1.28 16.72
CA PHE B 10 -8.16 -1.92 17.96
C PHE B 10 -7.42 -1.21 19.12
N ARG B 11 -8.14 -0.81 20.15
CA ARG B 11 -7.58 0.10 21.17
C ARG B 11 -7.26 1.47 20.58
N THR B 12 -7.89 1.83 19.47
CA THR B 12 -7.69 3.17 18.89
C THR B 12 -7.84 4.24 19.98
N GLY B 13 -7.05 5.32 19.91
CA GLY B 13 -7.39 6.57 20.64
C GLY B 13 -8.75 7.13 20.17
N ILE B 14 -9.52 7.70 21.07
CA ILE B 14 -10.87 8.20 20.69
C ILE B 14 -11.17 9.62 21.20
N ALA B 15 -11.52 10.52 20.28
CA ALA B 15 -11.98 11.87 20.65
C ALA B 15 -13.38 12.17 20.17
N ALA B 16 -14.01 13.17 20.76
CA ALA B 16 -15.32 13.63 20.27
C ALA B 16 -15.45 15.10 20.59
N VAL B 17 -16.15 15.81 19.71
CA VAL B 17 -16.55 17.19 19.96
C VAL B 17 -18.02 17.29 19.49
N ASN B 18 -18.68 18.35 19.89
CA ASN B 18 -20.07 18.53 19.49
C ASN B 18 -20.51 20.00 19.63
N SER B 19 -21.52 20.37 18.84
CA SER B 19 -22.32 21.55 19.11
C SER B 19 -23.75 21.06 19.42
N THR B 20 -24.15 21.21 20.68
CA THR B 20 -25.22 20.41 21.26
C THR B 20 -25.31 19.00 20.64
N ASN B 21 -26.40 18.67 19.91
CA ASN B 21 -26.55 17.31 19.35
C ASN B 21 -25.91 17.03 17.98
N HIS B 22 -25.19 18.00 17.42
CA HIS B 22 -24.34 17.72 16.25
C HIS B 22 -22.98 17.29 16.73
N LEU B 23 -22.60 16.06 16.38
CA LEU B 23 -21.43 15.43 16.97
C LEU B 23 -20.38 15.11 15.95
N ARG B 24 -19.11 15.23 16.35
CA ARG B 24 -18.01 14.62 15.63
C ARG B 24 -17.26 13.65 16.55
N VAL B 25 -16.86 12.49 16.03
CA VAL B 25 -15.94 11.54 16.70
C VAL B 25 -14.76 11.22 15.78
N TYR B 26 -13.58 11.14 16.38
CA TYR B 26 -12.31 10.88 15.66
C TYR B 26 -11.67 9.64 16.18
N PHE B 27 -10.93 8.99 15.30
CA PHE B 27 -10.33 7.74 15.62
C PHE B 27 -9.24 7.53 14.63
N GLN B 28 -8.40 6.53 14.94
CA GLN B 28 -7.30 6.08 14.10
C GLN B 28 -7.61 4.73 13.41
N ASP B 29 -7.40 4.72 12.09
CA ASP B 29 -7.55 3.50 11.31
C ASP B 29 -6.30 2.66 11.37
N VAL B 30 -6.33 1.47 10.81
CA VAL B 30 -5.21 0.53 10.97
C VAL B 30 -3.94 0.93 10.20
N TYR B 31 -4.11 1.90 9.31
CA TYR B 31 -3.00 2.48 8.54
C TYR B 31 -2.35 3.63 9.25
N GLY B 32 -2.99 4.18 10.24
CA GLY B 32 -2.36 5.27 11.02
C GLY B 32 -3.05 6.60 10.84
N SER B 33 -3.86 6.72 9.79
CA SER B 33 -4.68 7.94 9.52
C SER B 33 -5.79 8.17 10.54
N ILE B 34 -6.11 9.44 10.77
CA ILE B 34 -7.15 9.91 11.65
C ILE B 34 -8.38 10.35 10.88
N ARG B 35 -9.50 9.71 11.11
CA ARG B 35 -10.74 10.04 10.40
C ARG B 35 -11.83 10.58 11.29
N GLU B 36 -12.80 11.18 10.66
CA GLU B 36 -13.86 11.85 11.32
C GLU B 36 -15.15 11.23 10.93
N SER B 37 -15.90 10.78 11.95
CA SER B 37 -17.30 10.36 11.79
C SER B 37 -18.17 11.48 12.29
N LEU B 38 -19.36 11.58 11.71
CA LEU B 38 -20.22 12.77 11.80
C LEU B 38 -21.66 12.37 12.11
N TYR B 39 -22.28 13.07 13.05
CA TYR B 39 -23.69 12.90 13.35
C TYR B 39 -24.38 14.28 13.34
N GLU B 40 -25.35 14.39 12.43
CA GLU B 40 -26.29 15.48 12.34
C GLU B 40 -27.63 14.87 11.94
N GLY B 41 -28.33 14.28 12.91
CA GLY B 41 -29.55 13.53 12.66
C GLY B 41 -29.31 12.06 12.45
N SER B 42 -28.29 11.70 11.67
CA SER B 42 -27.94 10.28 11.41
C SER B 42 -26.44 10.10 11.19
N TRP B 43 -25.96 8.88 11.29
CA TRP B 43 -24.54 8.71 11.39
C TRP B 43 -23.95 8.62 10.02
N ALA B 44 -22.83 9.31 9.80
CA ALA B 44 -22.14 9.27 8.52
C ALA B 44 -20.61 9.37 8.65
N ASN B 45 -19.95 8.94 7.58
CA ASN B 45 -18.56 9.28 7.24
C ASN B 45 -17.56 8.28 7.82
N GLY B 46 -16.55 8.74 8.55
CA GLY B 46 -15.46 7.88 9.01
C GLY B 46 -14.81 6.96 8.00
N THR B 47 -14.91 7.28 6.71
CA THR B 47 -14.33 6.47 5.66
C THR B 47 -12.99 7.06 5.30
N GLU B 48 -12.25 6.35 4.46
CA GLU B 48 -10.97 6.79 3.89
C GLU B 48 -11.04 8.20 3.29
N LYS B 49 -12.23 8.58 2.82
CA LYS B 49 -12.49 9.94 2.32
C LYS B 49 -12.44 11.00 3.43
N ASN B 50 -12.63 10.60 4.70
CA ASN B 50 -12.81 11.57 5.80
C ASN B 50 -11.56 11.72 6.67
N VAL B 51 -10.42 11.60 6.03
CA VAL B 51 -9.14 11.54 6.72
C VAL B 51 -8.72 12.98 6.93
N ILE B 52 -8.36 13.34 8.16
CA ILE B 52 -7.87 14.69 8.49
C ILE B 52 -6.37 14.77 8.78
N GLY B 53 -5.66 13.65 8.72
CA GLY B 53 -4.22 13.64 8.98
C GLY B 53 -3.77 12.24 9.36
N ASN B 54 -2.46 12.04 9.46
CA ASN B 54 -1.84 10.77 9.81
C ASN B 54 -0.97 10.89 11.07
N ALA B 55 -0.87 9.81 11.82
CA ALA B 55 -0.08 9.83 13.06
C ALA B 55 0.56 8.49 13.37
N LYS B 56 1.43 8.46 14.36
CA LYS B 56 2.09 7.20 14.76
C LYS B 56 1.00 6.24 15.15
N LEU B 57 1.11 5.01 14.65
CA LEU B 57 0.20 3.95 15.01
C LEU B 57 0.20 3.88 16.51
N GLY B 58 -0.99 3.68 17.09
CA GLY B 58 -1.19 3.65 18.53
C GLY B 58 -1.18 5.01 19.19
N SER B 59 -1.15 6.08 18.40
CA SER B 59 -1.10 7.43 18.94
C SER B 59 -2.29 7.69 19.80
N PRO B 60 -2.14 8.53 20.82
CA PRO B 60 -3.37 9.03 21.45
C PRO B 60 -4.16 9.97 20.50
N VAL B 61 -5.36 10.35 20.90
CA VAL B 61 -6.18 11.21 20.07
C VAL B 61 -7.04 12.06 20.95
N ALA B 62 -6.91 13.39 20.87
CA ALA B 62 -7.72 14.30 21.73
C ALA B 62 -8.33 15.39 20.87
N ALA B 63 -9.49 15.89 21.28
CA ALA B 63 -10.10 17.00 20.58
C ALA B 63 -10.88 17.95 21.50
N THR B 64 -11.09 19.15 20.98
CA THR B 64 -11.85 20.16 21.65
C THR B 64 -12.39 21.13 20.59
N SER B 65 -13.44 21.84 20.92
CA SER B 65 -14.06 22.69 19.94
C SER B 65 -14.76 23.89 20.54
N LYS B 66 -15.00 24.87 19.67
CA LYS B 66 -15.95 25.94 19.93
C LYS B 66 -17.05 25.59 19.02
N GLU B 67 -18.11 25.03 19.60
CA GLU B 67 -19.20 24.46 18.87
C GLU B 67 -18.50 23.68 17.77
N LEU B 68 -18.96 23.84 16.52
CA LEU B 68 -18.34 23.22 15.36
C LEU B 68 -17.86 24.34 14.41
N LYS B 69 -17.71 25.54 14.94
CA LYS B 69 -17.03 26.60 14.21
C LYS B 69 -15.52 26.37 14.20
N HIS B 70 -14.99 25.96 15.34
CA HIS B 70 -13.55 25.79 15.53
C HIS B 70 -13.28 24.44 16.18
N ILE B 71 -12.64 23.56 15.45
CA ILE B 71 -12.26 22.28 15.98
C ILE B 71 -10.75 22.02 15.93
N ARG B 72 -10.19 21.55 17.04
CA ARG B 72 -8.79 21.18 17.10
C ARG B 72 -8.60 19.75 17.53
N VAL B 73 -7.74 19.02 16.79
CA VAL B 73 -7.43 17.63 17.11
C VAL B 73 -5.93 17.38 17.20
N TYR B 74 -5.54 16.83 18.37
CA TYR B 74 -4.14 16.63 18.79
C TYR B 74 -3.65 15.15 18.80
N THR B 75 -2.54 14.93 18.09
CA THR B 75 -1.91 13.63 18.03
C THR B 75 -0.38 13.77 18.17
N LEU B 76 0.31 12.63 18.10
CA LEU B 76 1.77 12.61 18.07
C LEU B 76 2.20 12.28 16.66
N THR B 77 3.24 12.93 16.17
CA THR B 77 3.87 12.51 14.93
C THR B 77 4.61 11.21 15.21
N GLU B 78 5.29 10.71 14.19
CA GLU B 78 6.23 9.60 14.35
C GLU B 78 7.48 9.91 15.12
N GLY B 79 7.86 11.19 15.24
CA GLY B 79 9.01 11.60 16.08
C GLY B 79 8.66 11.98 17.51
N ASN B 80 7.42 11.65 17.92
CA ASN B 80 6.94 11.91 19.31
C ASN B 80 6.87 13.38 19.72
N THR B 81 6.53 14.20 18.74
CA THR B 81 6.29 15.60 19.00
C THR B 81 4.81 15.72 19.13
N LEU B 82 4.32 16.88 19.52
CA LEU B 82 2.86 17.13 19.51
C LEU B 82 2.51 17.64 18.15
N GLN B 83 1.29 17.38 17.65
CA GLN B 83 0.81 18.01 16.42
C GLN B 83 -0.69 18.34 16.54
N GLU B 84 -1.17 19.10 15.57
CA GLU B 84 -2.50 19.67 15.63
C GLU B 84 -3.12 19.68 14.21
N PHE B 85 -4.27 19.07 14.03
CA PHE B 85 -5.02 19.28 12.80
C PHE B 85 -6.19 20.23 13.15
N ALA B 86 -6.30 21.36 12.47
CA ALA B 86 -7.30 22.38 12.81
C ALA B 86 -8.34 22.42 11.74
N TYR B 87 -9.56 22.72 12.13
CA TYR B 87 -10.66 23.03 11.20
C TYR B 87 -11.32 24.33 11.66
N ASP B 88 -11.58 25.21 10.71
CA ASP B 88 -12.28 26.47 10.95
C ASP B 88 -13.38 26.51 9.90
N SER B 89 -14.62 26.77 10.32
CA SER B 89 -15.73 26.87 9.36
C SER B 89 -15.41 27.88 8.26
N GLY B 90 -15.61 27.49 7.01
CA GLY B 90 -15.41 28.45 5.90
C GLY B 90 -14.02 28.43 5.29
N THR B 91 -13.03 27.93 6.05
CA THR B 91 -11.69 27.59 5.56
C THR B 91 -11.55 26.09 5.48
N GLY B 92 -12.18 25.39 6.41
CA GLY B 92 -12.04 23.94 6.48
C GLY B 92 -10.76 23.53 7.17
N TRP B 93 -10.36 22.28 6.91
CA TRP B 93 -9.27 21.62 7.63
C TRP B 93 -7.94 22.15 7.17
N TYR B 94 -6.97 22.19 8.09
CA TYR B 94 -5.57 22.56 7.79
C TYR B 94 -4.62 22.17 8.91
N ASN B 95 -3.41 21.83 8.53
CA ASN B 95 -2.38 21.55 9.46
C ASN B 95 -2.22 22.76 10.35
N GLY B 96 -2.24 22.53 11.66
CA GLY B 96 -2.19 23.65 12.63
C GLY B 96 -0.76 24.06 12.97
N GLY B 97 -0.63 25.10 13.79
CA GLY B 97 0.66 25.64 14.20
C GLY B 97 1.47 24.89 15.27
N LEU B 98 0.84 23.93 15.96
CA LEU B 98 1.54 23.16 17.02
C LEU B 98 2.73 22.27 16.55
N GLY B 99 2.58 21.63 15.39
CA GLY B 99 3.62 20.77 14.87
C GLY B 99 4.97 21.48 14.79
N GLY B 100 4.99 22.62 14.09
CA GLY B 100 6.16 23.48 13.97
C GLY B 100 6.89 23.85 15.25
N ALA B 101 6.17 24.07 16.35
CA ALA B 101 6.81 24.29 17.66
C ALA B 101 7.75 23.13 18.07
N LYS B 102 7.57 21.95 17.48
CA LYS B 102 8.39 20.78 17.80
C LYS B 102 8.52 20.51 19.31
N PHE B 103 7.38 20.37 20.00
CA PHE B 103 7.33 19.96 21.41
C PHE B 103 7.46 18.47 21.62
N GLN B 104 8.54 18.06 22.28
CA GLN B 104 8.87 16.63 22.49
C GLN B 104 8.26 16.11 23.75
N VAL B 105 7.66 14.92 23.67
CA VAL B 105 7.09 14.23 24.83
C VAL B 105 7.41 12.76 24.85
N ALA B 106 7.31 12.17 26.02
CA ALA B 106 7.37 10.74 26.18
C ALA B 106 6.60 10.02 25.06
N PRO B 107 7.14 8.91 24.56
CA PRO B 107 6.45 8.23 23.47
C PRO B 107 5.07 7.68 23.82
N TYR B 108 4.88 7.41 25.12
CA TYR B 108 3.67 6.79 25.69
C TYR B 108 2.74 7.82 26.24
N SER B 109 2.98 9.06 25.86
CA SER B 109 2.20 10.16 26.33
C SER B 109 0.78 10.17 25.76
N ILE B 111 -2.75 12.74 25.71
CA ILE B 111 -2.96 14.15 25.41
C ILE B 111 -4.35 14.54 25.86
N ALA B 112 -4.50 15.67 26.53
CA ALA B 112 -5.81 16.26 26.77
C ALA B 112 -5.74 17.69 26.27
N ALA B 113 -6.85 18.20 25.79
CA ALA B 113 -6.94 19.51 25.15
C ALA B 113 -8.30 20.13 25.45
N VAL B 114 -8.30 21.44 25.76
CA VAL B 114 -9.51 22.24 25.99
C VAL B 114 -9.35 23.61 25.34
N PHE B 115 -10.41 24.11 24.71
CA PHE B 115 -10.60 25.54 24.46
C PHE B 115 -11.14 26.12 25.75
N LEU B 116 -10.51 27.13 26.29
CA LEU B 116 -10.94 27.73 27.57
C LEU B 116 -12.37 28.35 27.47
N ALA B 117 -13.18 28.06 28.47
CA ALA B 117 -14.59 28.40 28.50
C ALA B 117 -14.85 29.90 28.69
N GLY B 118 -15.99 30.34 28.19
CA GLY B 118 -16.52 31.69 28.41
C GLY B 118 -15.89 32.90 27.73
N THR B 119 -15.18 32.69 26.62
CA THR B 119 -14.69 33.83 25.84
C THR B 119 -14.71 33.50 24.34
N ASP B 120 -15.18 34.44 23.53
CA ASP B 120 -15.21 34.23 22.10
C ASP B 120 -13.78 34.03 21.57
N ALA B 121 -12.78 34.51 22.33
CA ALA B 121 -11.36 34.34 22.01
C ALA B 121 -10.89 32.88 22.00
N LEU B 122 -9.91 32.60 21.18
CA LEU B 122 -9.44 31.26 21.03
C LEU B 122 -8.24 31.10 21.94
N GLN B 123 -8.49 30.49 23.09
CA GLN B 123 -7.44 30.18 24.02
C GLN B 123 -7.50 28.69 24.19
N LEU B 124 -6.34 28.05 24.24
CA LEU B 124 -6.26 26.59 24.32
C LEU B 124 -5.19 26.13 25.32
N ARG B 125 -5.48 25.00 25.95
CA ARG B 125 -4.53 24.33 26.83
C ARG B 125 -4.48 22.84 26.46
N ILE B 126 -3.29 22.42 26.05
CA ILE B 126 -2.93 21.04 25.76
C ILE B 126 -2.14 20.59 26.94
N TYR B 127 -2.40 19.37 27.38
CA TYR B 127 -1.59 18.75 28.41
C TYR B 127 -1.13 17.39 27.89
N ALA B 128 0.13 17.09 28.18
CA ALA B 128 0.77 15.87 27.74
C ALA B 128 1.83 15.55 28.75
N GLN B 129 2.51 14.41 28.57
CA GLN B 129 3.52 13.94 29.53
C GLN B 129 4.90 13.92 28.93
N LYS B 130 5.81 14.59 29.63
CA LYS B 130 7.22 14.69 29.24
C LYS B 130 7.99 13.43 29.58
N PRO B 131 9.22 13.28 29.01
CA PRO B 131 10.11 12.15 29.35
C PRO B 131 10.47 12.03 30.79
N ASP B 132 10.49 13.11 31.56
CA ASP B 132 10.67 12.91 33.02
C ASP B 132 9.33 12.47 33.67
N ASN B 133 8.40 11.97 32.85
CA ASN B 133 7.03 11.63 33.25
C ASN B 133 6.19 12.73 33.95
N THR B 134 6.62 13.99 33.86
CA THR B 134 5.80 15.10 34.40
C THR B 134 4.75 15.50 33.37
N ILE B 135 3.63 16.01 33.88
CA ILE B 135 2.54 16.46 33.06
C ILE B 135 2.77 17.93 32.80
N GLN B 136 3.02 18.31 31.55
CA GLN B 136 3.23 19.71 31.18
C GLN B 136 2.02 20.37 30.52
N GLU B 137 1.80 21.65 30.77
CA GLU B 137 0.84 22.42 29.99
C GLU B 137 1.46 23.19 28.80
N TYR B 138 0.68 23.33 27.75
CA TYR B 138 1.07 24.07 26.54
C TYR B 138 -0.09 24.99 26.17
N MET B 139 0.23 26.28 25.99
CA MET B 139 -0.72 27.37 25.87
C MET B 139 -0.72 27.95 24.48
N TRP B 140 -1.92 28.21 23.93
CA TRP B 140 -2.06 29.08 22.74
C TRP B 140 -3.11 30.15 23.00
N ASN B 141 -2.67 31.41 23.06
CA ASN B 141 -3.53 32.53 23.43
C ASN B 141 -3.51 33.66 22.42
N GLY B 142 -3.02 33.44 21.20
CA GLY B 142 -2.96 34.53 20.20
C GLY B 142 -1.61 35.25 20.09
N ASP B 143 -0.61 34.82 20.87
CA ASP B 143 0.82 35.09 20.59
C ASP B 143 1.68 33.79 20.53
N GLY B 144 1.09 32.76 19.93
CA GLY B 144 1.78 31.50 19.69
C GLY B 144 1.88 30.52 20.85
N TRP B 145 2.49 29.37 20.53
CA TRP B 145 2.52 28.23 21.42
C TRP B 145 3.71 28.29 22.35
N LYS B 146 3.44 28.32 23.64
CA LYS B 146 4.53 28.21 24.59
C LYS B 146 4.13 27.35 25.78
N GLU B 147 5.13 26.73 26.43
CA GLU B 147 4.90 25.92 27.62
C GLU B 147 4.41 26.83 28.73
N GLY B 148 3.57 26.29 29.61
CA GLY B 148 3.04 27.02 30.74
C GLY B 148 3.37 26.28 31.98
N THR B 149 2.33 25.89 32.69
CA THR B 149 2.49 25.32 34.01
C THR B 149 2.74 23.81 33.97
N ASN B 150 3.81 23.39 34.66
CA ASN B 150 4.05 21.97 34.86
C ASN B 150 3.32 21.49 36.07
N LEU B 151 2.58 20.40 35.90
CA LEU B 151 1.71 19.92 36.93
C LEU B 151 2.28 18.78 37.80
N GLY B 152 3.50 18.33 37.51
CA GLY B 152 4.23 17.38 38.37
C GLY B 152 4.19 15.95 37.87
N GLY B 153 4.66 15.03 38.70
CA GLY B 153 4.79 13.63 38.34
C GLY B 153 3.46 12.90 38.13
N ALA B 154 3.46 12.02 37.13
CA ALA B 154 2.36 11.11 36.86
C ALA B 154 2.94 9.75 36.50
N LEU B 155 2.20 8.71 36.79
CA LEU B 155 2.55 7.37 36.26
C LEU B 155 2.78 7.43 34.74
N PRO B 156 3.87 6.81 34.26
CA PRO B 156 4.20 6.90 32.83
C PRO B 156 3.15 6.31 31.93
N GLY B 157 2.58 7.15 31.07
CA GLY B 157 1.59 6.72 30.10
C GLY B 157 0.20 6.84 30.67
N THR B 158 0.07 7.60 31.75
CA THR B 158 -1.22 7.94 32.31
C THR B 158 -2.19 8.46 31.28
N GLY B 159 -3.42 7.97 31.32
CA GLY B 159 -4.52 8.67 30.66
C GLY B 159 -4.58 10.06 31.27
N ILE B 160 -5.08 11.00 30.47
CA ILE B 160 -5.27 12.36 30.92
C ILE B 160 -6.62 12.88 30.38
N GLY B 161 -7.43 13.40 31.28
CA GLY B 161 -8.69 14.03 31.01
C GLY B 161 -8.60 15.48 31.39
N ALA B 162 -9.47 16.28 30.78
CA ALA B 162 -9.52 17.72 31.06
C ALA B 162 -10.86 18.24 30.69
N THR B 163 -11.20 19.38 31.29
CA THR B 163 -12.41 20.13 30.98
C THR B 163 -12.17 21.55 31.49
N SER B 164 -12.81 22.49 30.83
CA SER B 164 -12.70 23.84 31.18
C SER B 164 -14.13 24.31 31.28
N PHE B 165 -14.43 25.10 32.30
CA PHE B 165 -15.74 25.69 32.43
C PHE B 165 -15.57 27.08 32.99
N ARG B 166 -16.66 27.85 32.97
CA ARG B 166 -16.63 29.15 33.56
C ARG B 166 -17.78 29.45 34.50
N TYR B 167 -17.49 29.48 35.80
CA TYR B 167 -18.44 29.98 36.77
C TYR B 167 -18.88 31.37 36.35
N THR B 168 -20.16 31.65 36.56
CA THR B 168 -20.77 32.88 36.08
C THR B 168 -20.50 34.10 36.98
N ASP B 169 -20.05 33.88 38.22
CA ASP B 169 -19.65 34.98 39.15
C ASP B 169 -18.13 35.35 39.10
N TYR B 170 -17.34 34.67 38.24
CA TYR B 170 -15.88 34.86 38.23
C TYR B 170 -15.36 35.48 36.95
N ASN B 171 -14.05 35.83 36.99
CA ASN B 171 -13.43 36.68 35.98
C ASN B 171 -12.83 35.97 34.80
N GLY B 172 -13.22 34.71 34.61
CA GLY B 172 -12.75 33.97 33.46
C GLY B 172 -12.74 32.49 33.70
N PRO B 173 -11.96 31.76 32.89
CA PRO B 173 -11.99 30.30 32.79
C PRO B 173 -11.44 29.53 33.97
N SER B 174 -12.20 28.58 34.50
CA SER B 174 -11.59 27.55 35.38
C SER B 174 -11.18 26.35 34.51
N ILE B 175 -10.20 25.58 35.00
CA ILE B 175 -9.76 24.34 34.39
C ILE B 175 -9.70 23.20 35.42
N ARG B 176 -9.94 21.98 34.96
CA ARG B 176 -9.78 20.80 35.80
C ARG B 176 -9.23 19.69 34.89
N ILE B 177 -8.19 19.04 35.40
CA ILE B 177 -7.47 17.97 34.75
C ILE B 177 -7.44 16.77 35.67
N TRP B 178 -7.48 15.58 35.09
CA TRP B 178 -7.35 14.36 35.86
C TRP B 178 -6.27 13.40 35.32
N PHE B 179 -5.54 12.76 36.24
CA PHE B 179 -4.50 11.82 35.81
C PHE B 179 -4.15 10.81 36.90
N GLN B 180 -3.30 9.86 36.55
CA GLN B 180 -3.00 8.73 37.40
C GLN B 180 -1.57 8.88 37.92
N THR B 181 -1.39 8.74 39.22
CA THR B 181 -0.12 8.94 39.85
C THR B 181 0.52 7.57 39.97
N ASP B 182 1.83 7.53 40.27
CA ASP B 182 2.58 6.27 40.46
C ASP B 182 1.91 5.31 41.48
N ASP B 183 1.30 5.84 42.53
CA ASP B 183 0.62 4.96 43.48
C ASP B 183 -0.63 4.30 42.83
N LEU B 184 -0.91 4.68 41.57
CA LEU B 184 -2.08 4.23 40.79
C LEU B 184 -3.40 4.84 41.24
N LYS B 185 -3.38 5.87 42.06
CA LYS B 185 -4.63 6.64 42.36
C LYS B 185 -5.01 7.37 41.14
N LEU B 186 -6.25 7.85 41.10
CA LEU B 186 -6.66 8.83 40.10
C LEU B 186 -6.88 10.15 40.84
N VAL B 187 -6.29 11.22 40.29
CA VAL B 187 -6.29 12.51 40.97
C VAL B 187 -6.70 13.67 40.10
N GLN B 188 -7.06 14.77 40.79
CA GLN B 188 -7.50 15.99 40.15
C GLN B 188 -6.57 17.13 40.46
N ARG B 189 -6.22 17.87 39.44
CA ARG B 189 -5.66 19.19 39.64
C ARG B 189 -6.65 20.18 39.09
N ALA B 190 -6.49 21.41 39.56
CA ALA B 190 -7.49 22.44 39.41
C ALA B 190 -6.91 23.86 39.36
N TYR B 191 -7.48 24.64 38.45
CA TYR B 191 -7.12 26.01 38.23
C TYR B 191 -8.40 26.80 38.36
N ASP B 192 -8.44 27.75 39.27
CA ASP B 192 -9.55 28.73 39.30
C ASP B 192 -8.97 30.08 38.88
N PRO B 193 -9.79 30.91 38.20
CA PRO B 193 -9.29 32.17 37.66
C PRO B 193 -8.62 33.01 38.71
N HIS B 194 -9.33 33.32 39.79
CA HIS B 194 -8.82 34.20 40.87
C HIS B 194 -7.61 33.75 41.66
N LYS B 195 -7.30 32.46 41.65
CA LYS B 195 -6.19 31.91 42.43
C LYS B 195 -5.19 31.07 41.62
N GLY B 196 -5.35 30.96 40.30
CA GLY B 196 -4.50 30.11 39.48
C GLY B 196 -4.64 28.63 39.84
N TRP B 197 -3.52 27.90 39.76
CA TRP B 197 -3.50 26.49 40.12
C TRP B 197 -3.49 26.39 41.64
N TYR B 198 -4.36 25.53 42.18
CA TYR B 198 -4.30 25.16 43.58
C TYR B 198 -3.20 24.11 43.73
N PRO B 199 -2.42 24.17 44.84
CA PRO B 199 -1.28 23.29 44.94
C PRO B 199 -1.64 21.84 45.14
N ASP B 200 -2.81 21.58 45.73
CA ASP B 200 -3.12 20.23 46.20
C ASP B 200 -3.68 19.31 45.11
N LEU B 201 -3.47 18.01 45.32
CA LEU B 201 -3.97 16.94 44.47
C LEU B 201 -5.22 16.44 45.17
N VAL B 202 -6.33 16.24 44.44
CA VAL B 202 -7.50 15.62 45.09
C VAL B 202 -7.79 14.25 44.49
N THR B 203 -7.90 13.27 45.39
CA THR B 203 -8.06 11.87 45.04
C THR B 203 -9.50 11.51 44.71
N ILE B 204 -9.73 11.16 43.45
CA ILE B 204 -11.05 10.74 42.99
C ILE B 204 -11.23 9.20 42.87
N PHE B 205 -10.14 8.43 42.87
CA PHE B 205 -10.27 6.96 42.86
C PHE B 205 -9.03 6.24 43.40
N ASP B 206 -9.27 5.26 44.29
CA ASP B 206 -8.22 4.62 45.10
C ASP B 206 -7.18 3.86 44.29
N ARG B 207 -7.66 2.87 43.55
CA ARG B 207 -6.80 2.08 42.66
C ARG B 207 -7.50 1.88 41.31
N ALA B 208 -6.76 2.23 40.27
CA ALA B 208 -7.21 2.00 38.88
C ALA B 208 -6.15 1.20 38.11
N PRO B 209 -6.57 0.46 37.07
CA PRO B 209 -5.60 -0.25 36.25
C PRO B 209 -4.49 0.67 35.80
N PRO B 210 -3.30 0.11 35.57
CA PRO B 210 -2.19 0.95 35.14
C PRO B 210 -2.40 1.50 33.72
N ARG B 211 -2.17 2.80 33.57
CA ARG B 211 -2.43 3.52 32.31
C ARG B 211 -3.87 3.44 31.82
N THR B 212 -4.81 3.20 32.73
CA THR B 212 -6.18 3.15 32.28
C THR B 212 -6.52 4.46 31.57
N ALA B 213 -7.33 4.36 30.52
CA ALA B 213 -8.02 5.54 29.93
C ALA B 213 -8.77 6.47 30.95
N ILE B 214 -8.67 7.78 30.74
CA ILE B 214 -9.38 8.73 31.56
C ILE B 214 -9.90 9.87 30.70
N ALA B 215 -11.13 10.34 31.01
CA ALA B 215 -11.80 11.34 30.18
C ALA B 215 -12.88 12.05 30.99
N ALA B 216 -13.15 13.31 30.64
CA ALA B 216 -13.93 14.15 31.49
C ALA B 216 -14.67 15.24 30.73
N THR B 217 -15.87 15.52 31.24
CA THR B 217 -16.69 16.65 30.82
C THR B 217 -17.30 17.47 32.01
N SER B 218 -17.87 18.61 31.66
CA SER B 218 -18.44 19.45 32.70
C SER B 218 -19.48 20.29 32.06
N PHE B 219 -20.52 20.62 32.82
CA PHE B 219 -21.73 21.23 32.27
C PHE B 219 -22.54 21.90 33.39
N GLY B 220 -23.53 22.68 33.00
CA GLY B 220 -24.45 23.28 33.95
C GLY B 220 -23.75 24.28 34.83
N ALA B 221 -22.73 24.92 34.28
CA ALA B 221 -22.05 25.98 34.99
C ALA B 221 -23.07 26.98 35.58
N GLY B 222 -22.87 27.36 36.83
CA GLY B 222 -23.63 28.45 37.50
C GLY B 222 -22.75 29.45 38.24
N ASN B 223 -23.32 30.08 39.28
CA ASN B 223 -22.52 30.93 40.18
C ASN B 223 -21.80 30.03 41.22
N SER B 224 -20.48 29.98 41.17
CA SER B 224 -19.71 29.08 42.07
C SER B 224 -20.18 27.61 42.03
N SER B 225 -20.92 27.22 40.99
CA SER B 225 -21.39 25.84 40.88
C SER B 225 -21.04 25.24 39.52
N ILE B 226 -20.60 23.98 39.56
CA ILE B 226 -20.35 23.21 38.33
C ILE B 226 -20.78 21.76 38.55
N TYR B 227 -21.15 21.10 37.45
CA TYR B 227 -21.34 19.66 37.37
C TYR B 227 -20.25 19.02 36.53
N MET B 228 -19.62 17.96 37.05
CA MET B 228 -18.53 17.25 36.38
C MET B 228 -18.70 15.72 36.37
N ARG B 229 -18.26 15.09 35.27
CA ARG B 229 -18.35 13.64 35.15
C ARG B 229 -17.03 13.16 34.55
N ILE B 230 -16.39 12.22 35.25
CA ILE B 230 -15.11 11.65 34.83
C ILE B 230 -15.22 10.14 34.65
N TYR B 231 -14.65 9.62 33.56
CA TYR B 231 -14.76 8.20 33.15
C TYR B 231 -13.37 7.54 33.03
N PHE B 232 -13.32 6.25 33.32
CA PHE B 232 -12.10 5.48 33.28
C PHE B 232 -12.47 4.02 33.20
N VAL B 233 -11.59 3.22 32.61
CA VAL B 233 -11.78 1.79 32.53
C VAL B 233 -11.24 1.12 33.79
N ASN B 234 -12.15 0.50 34.56
CA ASN B 234 -11.79 -0.25 35.77
C ASN B 234 -11.34 -1.66 35.47
N SER B 235 -10.82 -2.28 36.53
CA SER B 235 -10.35 -3.66 36.48
C SER B 235 -11.38 -4.68 36.12
N ASP B 236 -12.66 -4.33 36.23
CA ASP B 236 -13.75 -5.23 35.82
C ASP B 236 -14.10 -5.10 34.33
N ASN B 237 -13.30 -4.36 33.58
CA ASN B 237 -13.53 -4.20 32.14
C ASN B 237 -14.86 -3.59 31.87
N THR B 238 -15.05 -2.50 32.59
CA THR B 238 -16.17 -1.62 32.38
C THR B 238 -15.63 -0.22 32.60
N ILE B 239 -16.18 0.73 31.84
CA ILE B 239 -16.01 2.11 32.18
C ILE B 239 -16.74 2.31 33.51
N TRP B 240 -16.10 3.02 34.43
CA TRP B 240 -16.75 3.59 35.61
C TRP B 240 -16.89 5.12 35.47
N GLN B 241 -17.82 5.68 36.25
CA GLN B 241 -18.10 7.10 36.29
C GLN B 241 -17.85 7.65 37.69
N VAL B 242 -17.24 8.84 37.76
CA VAL B 242 -17.14 9.60 39.00
C VAL B 242 -17.95 10.90 38.83
N CYS B 243 -18.81 11.18 39.81
CA CYS B 243 -19.73 12.33 39.78
C CYS B 243 -19.23 13.46 40.69
N TRP B 244 -19.10 14.67 40.17
CA TRP B 244 -19.10 15.84 41.01
C TRP B 244 -20.47 16.43 40.82
N ASP B 245 -21.20 16.63 41.91
CA ASP B 245 -22.43 17.41 41.93
C ASP B 245 -22.30 18.63 42.90
N HIS B 246 -22.69 19.81 42.42
CA HIS B 246 -22.61 21.03 43.25
C HIS B 246 -23.34 20.83 44.55
N GLY B 247 -22.75 21.30 45.63
CA GLY B 247 -23.22 21.00 46.98
C GLY B 247 -22.65 19.71 47.54
N LYS B 248 -22.93 18.60 46.85
CA LYS B 248 -22.55 17.25 47.33
C LYS B 248 -21.06 16.94 47.25
N GLY B 249 -20.34 17.68 46.41
CA GLY B 249 -18.89 17.43 46.20
C GLY B 249 -18.68 16.30 45.22
N TYR B 250 -17.61 15.52 45.42
CA TYR B 250 -17.37 14.25 44.68
C TYR B 250 -18.13 13.13 45.32
N HIS B 251 -19.36 12.86 44.88
CA HIS B 251 -20.27 12.05 45.71
C HIS B 251 -20.57 10.62 45.27
N ASP B 252 -20.73 10.37 43.97
CA ASP B 252 -21.12 9.04 43.47
C ASP B 252 -20.01 8.44 42.59
N LYS B 253 -19.93 7.11 42.58
CA LYS B 253 -19.21 6.37 41.54
C LYS B 253 -19.85 5.04 41.27
N GLY B 254 -19.78 4.60 40.02
CA GLY B 254 -20.28 3.28 39.66
C GLY B 254 -19.88 2.86 38.28
N THR B 255 -20.11 1.59 37.98
CA THR B 255 -19.92 1.08 36.64
C THR B 255 -20.98 1.70 35.74
N ILE B 256 -20.71 1.72 34.45
CA ILE B 256 -21.60 2.32 33.43
C ILE B 256 -21.84 1.36 32.24
N THR B 257 -20.77 0.83 31.66
CA THR B 257 -21.01 -0.10 30.55
C THR B 257 -19.75 -0.86 30.21
N PRO B 258 -19.91 -2.11 29.72
CA PRO B 258 -18.72 -2.93 29.48
C PRO B 258 -17.94 -2.51 28.25
N VAL B 259 -16.61 -2.62 28.40
CA VAL B 259 -15.66 -2.33 27.35
C VAL B 259 -14.76 -3.53 27.18
N ILE B 260 -14.04 -3.56 26.06
CA ILE B 260 -12.91 -4.46 25.90
C ILE B 260 -11.82 -4.02 26.83
N GLN B 261 -11.01 -5.02 27.17
CA GLN B 261 -9.75 -4.86 27.88
C GLN B 261 -8.94 -3.75 27.22
N GLY B 262 -8.78 -2.61 27.94
CA GLY B 262 -7.91 -1.50 27.48
C GLY B 262 -8.47 -0.63 26.39
N SER B 263 -9.79 -0.71 26.16
CA SER B 263 -10.50 0.35 25.44
C SER B 263 -10.11 1.75 25.94
N GLU B 264 -10.07 2.70 25.01
CA GLU B 264 -10.01 4.13 25.31
C GLU B 264 -11.40 4.69 25.49
N VAL B 265 -11.48 5.94 25.94
CA VAL B 265 -12.76 6.54 26.26
C VAL B 265 -12.81 7.98 25.93
N ALA B 266 -13.95 8.43 25.41
CA ALA B 266 -14.19 9.84 25.08
C ALA B 266 -15.59 10.26 25.45
N ILE B 267 -15.70 11.52 25.86
CA ILE B 267 -16.94 12.02 26.45
C ILE B 267 -17.27 13.45 25.96
N ILE B 268 -18.58 13.73 25.83
CA ILE B 268 -19.10 15.04 25.49
C ILE B 268 -20.44 15.35 26.18
N SER B 269 -20.73 16.63 26.37
CA SER B 269 -21.90 17.01 27.11
C SER B 269 -22.39 18.35 26.71
N TRP B 270 -23.71 18.50 26.74
CA TRP B 270 -24.36 19.78 26.58
C TRP B 270 -25.57 19.83 27.52
N GLY B 271 -26.12 21.04 27.64
CA GLY B 271 -27.30 21.29 28.48
C GLY B 271 -27.02 21.30 29.98
N SER B 272 -28.10 21.27 30.75
CA SER B 272 -28.00 21.26 32.22
C SER B 272 -29.27 20.78 32.91
N PHE B 273 -29.13 20.41 34.17
CA PHE B 273 -30.25 19.86 34.94
C PHE B 273 -31.44 20.83 34.83
N ALA B 274 -31.18 22.13 34.94
CA ALA B 274 -32.24 23.14 34.92
C ALA B 274 -33.03 23.30 33.58
N ASN B 275 -32.51 22.83 32.44
CA ASN B 275 -33.23 22.98 31.15
C ASN B 275 -33.37 21.69 30.34
N ASN B 276 -34.06 20.69 30.90
CA ASN B 276 -34.38 19.43 30.19
C ASN B 276 -33.15 18.64 29.76
N GLY B 277 -32.08 18.76 30.54
CA GLY B 277 -30.80 18.12 30.22
C GLY B 277 -30.21 17.66 31.54
N PRO B 278 -28.91 17.31 31.58
CA PRO B 278 -27.96 17.35 30.49
C PRO B 278 -28.18 16.24 29.49
N ASP B 279 -27.36 16.28 28.46
CA ASP B 279 -27.11 15.16 27.58
C ASP B 279 -25.67 14.72 27.82
N LEU B 280 -25.43 13.41 27.84
CA LEU B 280 -24.06 12.83 27.84
C LEU B 280 -23.93 11.87 26.68
N ARG B 281 -22.76 11.88 26.04
CA ARG B 281 -22.43 10.88 25.02
C ARG B 281 -21.03 10.35 25.20
N LEU B 282 -20.95 9.02 25.30
CA LEU B 282 -19.68 8.29 25.50
C LEU B 282 -19.32 7.54 24.30
N TYR B 283 -18.02 7.42 24.03
CA TYR B 283 -17.54 6.56 22.95
C TYR B 283 -16.35 5.74 23.44
N PHE B 284 -16.31 4.48 23.03
CA PHE B 284 -15.45 3.46 23.60
C PHE B 284 -15.46 2.24 22.64
N GLN B 285 -14.68 1.24 22.97
CA GLN B 285 -14.76 -0.06 22.26
C GLN B 285 -15.26 -1.14 23.23
N ASN B 286 -16.35 -1.83 22.85
CA ASN B 286 -16.88 -2.97 23.65
C ASN B 286 -16.93 -4.31 22.90
N GLY B 287 -16.37 -4.35 21.71
CA GLY B 287 -16.30 -5.61 20.97
C GLY B 287 -17.35 -5.76 19.91
N THR B 288 -18.19 -4.74 19.74
CA THR B 288 -19.17 -4.78 18.64
C THR B 288 -18.49 -4.76 17.24
N TYR B 289 -18.89 -5.68 16.38
CA TYR B 289 -18.20 -5.98 15.14
C TYR B 289 -16.68 -6.16 15.35
N ILE B 290 -16.32 -6.65 16.54
CA ILE B 290 -14.94 -6.84 17.02
C ILE B 290 -14.24 -5.53 17.34
N SER B 291 -14.12 -4.69 16.32
CA SER B 291 -13.29 -3.51 16.35
C SER B 291 -13.99 -2.20 16.13
N ALA B 292 -15.33 -2.20 16.01
CA ALA B 292 -16.07 -0.94 15.86
C ALA B 292 -16.16 -0.16 17.16
N VAL B 293 -16.34 1.16 17.05
CA VAL B 293 -16.59 2.04 18.21
C VAL B 293 -18.10 2.06 18.46
N SER B 294 -18.50 2.01 19.71
CA SER B 294 -19.95 2.11 20.07
C SER B 294 -20.17 3.32 20.91
N GLU B 295 -21.45 3.56 21.18
CA GLU B 295 -21.93 4.73 21.88
C GLU B 295 -22.72 4.34 23.11
N TRP B 296 -22.83 5.27 24.04
CA TRP B 296 -23.76 5.17 25.18
C TRP B 296 -24.31 6.59 25.36
N VAL B 297 -25.57 6.67 25.77
CA VAL B 297 -26.33 7.94 25.87
C VAL B 297 -26.93 8.12 27.29
N TRP B 298 -26.89 9.37 27.77
CA TRP B 298 -27.74 9.83 28.86
C TRP B 298 -28.49 11.06 28.39
N ASN B 299 -29.81 11.05 28.52
CA ASN B 299 -30.62 12.28 28.45
C ASN B 299 -31.79 12.17 29.41
N ARG B 300 -32.51 13.26 29.58
CA ARG B 300 -33.63 13.28 30.51
C ARG B 300 -34.83 12.44 30.06
N ALA B 301 -35.08 12.39 28.76
CA ALA B 301 -36.20 11.65 28.15
C ALA B 301 -36.25 10.10 28.34
N HIS B 302 -35.10 9.46 28.47
CA HIS B 302 -35.01 8.01 28.68
C HIS B 302 -33.90 7.62 29.65
N GLY B 303 -33.11 8.60 30.07
CA GLY B 303 -31.91 8.37 30.83
C GLY B 303 -30.88 7.59 30.03
N SER B 304 -30.08 6.84 30.77
CA SER B 304 -28.96 6.11 30.27
C SER B 304 -29.33 4.90 29.42
N GLN B 305 -28.79 4.84 28.19
CA GLN B 305 -28.86 3.62 27.37
C GLN B 305 -27.80 3.56 26.27
N LEU B 306 -27.69 2.37 25.70
CA LEU B 306 -26.81 2.11 24.59
C LEU B 306 -27.38 2.81 23.39
N GLY B 307 -26.49 3.36 22.58
CA GLY B 307 -26.91 4.07 21.41
C GLY B 307 -26.42 3.27 20.25
N ARG B 308 -25.84 3.98 19.32
CA ARG B 308 -25.35 3.41 18.12
C ARG B 308 -24.28 2.37 18.48
N SER B 309 -24.58 1.12 18.18
CA SER B 309 -23.76 0.02 18.56
C SER B 309 -22.45 -0.03 17.77
N ALA B 310 -22.53 0.33 16.49
CA ALA B 310 -21.34 0.43 15.68
C ALA B 310 -21.35 1.75 14.94
N LEU B 311 -20.34 2.60 15.20
CA LEU B 311 -20.18 3.85 14.46
C LEU B 311 -19.66 3.59 13.04
N PRO B 312 -19.89 4.53 12.10
CA PRO B 312 -19.28 4.49 10.78
C PRO B 312 -17.78 4.46 10.94
N PRO B 313 -17.07 3.76 10.03
CA PRO B 313 -17.48 3.08 8.82
C PRO B 313 -18.01 1.65 8.98
N ALA B 314 -18.33 1.23 10.19
CA ALA B 314 -18.78 -0.14 10.46
C ALA B 314 -19.83 -0.62 9.47
N SER C 1 14.86 7.30 -7.97
CA SER C 1 15.47 6.82 -9.27
C SER C 1 16.94 7.21 -9.33
N THR C 2 17.61 6.78 -10.39
CA THR C 2 19.02 7.11 -10.61
C THR C 2 19.13 7.56 -12.06
N PRO C 3 20.14 8.38 -12.41
CA PRO C 3 20.42 8.66 -13.82
C PRO C 3 20.36 7.46 -14.76
N GLY C 4 20.95 6.35 -14.32
CA GLY C 4 21.00 5.12 -15.10
C GLY C 4 19.67 4.40 -15.27
N ALA C 5 18.87 4.36 -14.24
CA ALA C 5 17.47 3.90 -14.39
C ALA C 5 16.72 4.83 -15.31
N GLN C 6 16.91 6.13 -15.14
CA GLN C 6 16.25 7.09 -16.00
C GLN C 6 16.46 6.89 -17.51
N GLN C 7 17.57 6.25 -17.88
CA GLN C 7 17.86 5.99 -19.26
C GLN C 7 17.07 4.81 -19.85
N VAL C 8 16.39 4.02 -19.02
CA VAL C 8 15.58 2.87 -19.52
C VAL C 8 14.20 3.30 -19.89
N LEU C 9 13.75 2.96 -21.10
CA LEU C 9 12.39 3.33 -21.54
C LEU C 9 11.35 2.64 -20.66
N PHE C 10 10.36 3.41 -20.23
CA PHE C 10 9.24 2.87 -19.44
C PHE C 10 8.47 2.03 -20.41
N ARG C 11 8.21 0.77 -20.10
CA ARG C 11 7.57 -0.16 -21.04
C ARG C 11 8.45 -0.54 -22.21
N THR C 12 9.75 -0.35 -22.06
CA THR C 12 10.66 -0.96 -23.05
C THR C 12 10.34 -2.44 -23.34
N GLY C 13 10.63 -2.87 -24.54
CA GLY C 13 10.60 -4.27 -24.93
C GLY C 13 11.80 -4.92 -24.32
N ILE C 14 11.70 -6.18 -23.94
CA ILE C 14 12.79 -6.82 -23.23
C ILE C 14 12.96 -8.21 -23.75
N ALA C 15 14.22 -8.62 -23.89
CA ALA C 15 14.60 -9.97 -24.31
C ALA C 15 15.76 -10.45 -23.48
N ALA C 16 15.96 -11.77 -23.47
CA ALA C 16 17.01 -12.42 -22.69
C ALA C 16 17.46 -13.71 -23.37
N VAL C 17 18.74 -14.01 -23.25
CA VAL C 17 19.35 -15.21 -23.79
C VAL C 17 20.33 -15.69 -22.72
N ASN C 18 20.70 -16.96 -22.80
CA ASN C 18 21.60 -17.50 -21.84
C ASN C 18 22.38 -18.67 -22.36
N SER C 19 23.49 -18.90 -21.69
CA SER C 19 24.16 -20.18 -21.70
C SER C 19 24.25 -20.58 -20.23
N THR C 20 23.46 -21.58 -19.87
CA THR C 20 23.20 -21.94 -18.47
C THR C 20 23.18 -20.68 -17.64
N ASN C 21 24.03 -20.59 -16.63
CA ASN C 21 23.98 -19.46 -15.69
C ASN C 21 24.59 -18.10 -16.18
N HIS C 22 25.16 -18.06 -17.38
CA HIS C 22 25.51 -16.77 -18.03
C HIS C 22 24.37 -16.19 -18.91
N LEU C 23 24.08 -14.93 -18.63
CA LEU C 23 22.86 -14.32 -19.01
C LEU C 23 23.17 -13.02 -19.72
N ARG C 24 22.30 -12.65 -20.66
CA ARG C 24 22.29 -11.32 -21.27
C ARG C 24 20.89 -10.82 -21.30
N VAL C 25 20.69 -9.54 -21.02
CA VAL C 25 19.38 -8.92 -21.21
C VAL C 25 19.53 -7.78 -22.23
N TYR C 26 18.51 -7.64 -23.07
CA TYR C 26 18.40 -6.56 -24.06
C TYR C 26 17.19 -5.66 -23.71
N PHE C 27 17.35 -4.38 -23.98
CA PHE C 27 16.33 -3.36 -23.71
C PHE C 27 16.62 -2.13 -24.51
N GLN C 28 15.60 -1.31 -24.71
CA GLN C 28 15.71 -0.06 -25.43
C GLN C 28 15.82 1.10 -24.46
N ASP C 29 16.76 2.01 -24.75
CA ASP C 29 16.92 3.19 -23.93
C ASP C 29 15.95 4.25 -24.42
N VAL C 30 15.93 5.39 -23.73
CA VAL C 30 15.00 6.46 -24.05
C VAL C 30 15.29 7.14 -25.38
N TYR C 31 16.50 6.92 -25.94
CA TYR C 31 16.87 7.49 -27.26
C TYR C 31 16.50 6.57 -28.45
N GLY C 32 16.04 5.36 -28.17
CA GLY C 32 15.79 4.38 -29.23
C GLY C 32 16.86 3.30 -29.31
N SER C 33 17.98 3.44 -28.61
CA SER C 33 19.09 2.48 -28.76
C SER C 33 18.84 1.19 -27.98
N ILE C 34 19.27 0.07 -28.53
CA ILE C 34 19.17 -1.26 -27.91
C ILE C 34 20.48 -1.56 -27.21
N ARG C 35 20.40 -1.71 -25.88
CA ARG C 35 21.57 -1.94 -25.05
C ARG C 35 21.59 -3.34 -24.47
N GLU C 36 22.78 -3.87 -24.24
CA GLU C 36 22.90 -5.19 -23.71
C GLU C 36 23.46 -5.18 -22.29
N SER C 37 22.75 -5.82 -21.39
CA SER C 37 23.24 -6.05 -20.00
C SER C 37 23.67 -7.52 -19.77
N LEU C 38 24.65 -7.71 -18.90
CA LEU C 38 25.51 -8.91 -18.94
C LEU C 38 25.68 -9.49 -17.53
N TYR C 39 25.48 -10.81 -17.37
CA TYR C 39 25.69 -11.48 -16.07
C TYR C 39 26.55 -12.75 -16.15
N GLU C 40 27.70 -12.69 -15.49
CA GLU C 40 28.67 -13.77 -15.43
C GLU C 40 29.17 -13.93 -14.01
N GLY C 41 28.27 -14.06 -13.05
CA GLY C 41 28.62 -14.04 -11.63
C GLY C 41 28.35 -12.70 -10.97
N SER C 42 28.45 -11.63 -11.75
CA SER C 42 27.98 -10.32 -11.29
C SER C 42 27.38 -9.57 -12.45
N TRP C 43 26.52 -8.62 -12.13
CA TRP C 43 25.88 -7.82 -13.14
C TRP C 43 26.79 -6.64 -13.51
N ALA C 44 26.80 -6.34 -14.82
CA ALA C 44 27.62 -5.28 -15.40
C ALA C 44 26.94 -4.76 -16.68
N ASN C 45 27.55 -3.72 -17.29
CA ASN C 45 27.17 -3.18 -18.62
C ASN C 45 25.86 -2.40 -18.62
N GLY C 46 25.10 -2.42 -19.73
CA GLY C 46 23.84 -1.70 -19.85
C GLY C 46 23.98 -0.23 -20.23
N THR C 47 25.20 0.23 -20.36
CA THR C 47 25.46 1.65 -20.56
C THR C 47 25.39 2.00 -22.04
N GLU C 48 25.35 3.31 -22.28
CA GLU C 48 25.65 3.94 -23.57
C GLU C 48 26.89 3.39 -24.33
N LYS C 49 27.78 2.68 -23.61
CA LYS C 49 28.90 1.96 -24.24
C LYS C 49 28.60 0.45 -24.49
N ASN C 50 27.34 0.05 -24.31
CA ASN C 50 26.91 -1.30 -24.60
C ASN C 50 25.76 -1.29 -25.60
N VAL C 51 25.90 -0.47 -26.63
CA VAL C 51 24.88 -0.33 -27.67
C VAL C 51 25.16 -1.24 -28.86
N ILE C 52 24.13 -1.99 -29.28
CA ILE C 52 24.22 -2.95 -30.37
C ILE C 52 23.47 -2.48 -31.62
N GLY C 53 22.76 -1.38 -31.51
CA GLY C 53 22.08 -0.83 -32.65
C GLY C 53 20.92 0.01 -32.18
N ASN C 54 20.25 0.59 -33.17
CA ASN C 54 19.05 1.41 -32.98
C ASN C 54 17.73 0.81 -33.56
N ALA C 55 16.62 1.15 -32.91
CA ALA C 55 15.28 0.74 -33.34
C ALA C 55 14.34 1.87 -33.09
N LYS C 56 13.19 1.83 -33.75
CA LYS C 56 12.18 2.82 -33.52
C LYS C 56 11.78 2.78 -32.08
N LEU C 57 11.36 3.95 -31.55
CA LEU C 57 10.88 4.04 -30.17
C LEU C 57 9.65 3.19 -29.88
N GLY C 58 9.69 2.48 -28.74
CA GLY C 58 8.68 1.52 -28.40
C GLY C 58 8.67 0.24 -29.22
N SER C 59 9.76 -0.02 -29.96
CA SER C 59 9.91 -1.26 -30.72
C SER C 59 9.82 -2.48 -29.85
N PRO C 60 9.27 -3.55 -30.43
CA PRO C 60 9.39 -4.80 -29.71
C PRO C 60 10.86 -5.21 -29.70
N VAL C 61 11.23 -6.07 -28.78
CA VAL C 61 12.59 -6.49 -28.72
C VAL C 61 12.55 -7.97 -28.39
N ALA C 62 13.12 -8.76 -29.31
CA ALA C 62 13.09 -10.23 -29.21
C ALA C 62 14.50 -10.76 -29.46
N ALA C 63 14.86 -11.83 -28.74
CA ALA C 63 16.20 -12.43 -28.83
C ALA C 63 16.19 -13.92 -28.76
N THR C 64 17.27 -14.47 -29.28
CA THR C 64 17.51 -15.89 -29.22
C THR C 64 18.96 -16.16 -29.51
N SER C 65 19.42 -17.35 -29.12
CA SER C 65 20.82 -17.69 -29.08
C SER C 65 21.04 -19.19 -29.13
N LYS C 66 22.24 -19.57 -29.61
CA LYS C 66 22.76 -20.89 -29.49
C LYS C 66 23.84 -20.72 -28.44
N GLU C 67 23.58 -21.19 -27.22
CA GLU C 67 24.36 -20.81 -26.07
C GLU C 67 24.53 -19.31 -26.18
N LEU C 68 25.77 -18.83 -26.13
CA LEU C 68 26.07 -17.41 -26.25
C LEU C 68 27.20 -17.22 -27.28
N LYS C 69 27.37 -18.22 -28.13
CA LYS C 69 28.30 -18.13 -29.26
C LYS C 69 27.64 -17.49 -30.51
N HIS C 70 26.31 -17.46 -30.56
CA HIS C 70 25.55 -16.93 -31.69
C HIS C 70 24.25 -16.34 -31.16
N ILE C 71 24.13 -15.02 -31.19
CA ILE C 71 23.00 -14.34 -30.61
C ILE C 71 22.34 -13.48 -31.72
N ARG C 72 21.01 -13.51 -31.77
CA ARG C 72 20.25 -12.66 -32.69
C ARG C 72 19.16 -11.81 -31.97
N VAL C 73 19.10 -10.53 -32.31
CA VAL C 73 18.20 -9.60 -31.65
C VAL C 73 17.36 -8.84 -32.66
N TYR C 74 16.05 -8.95 -32.50
CA TYR C 74 15.07 -8.53 -33.54
C TYR C 74 14.27 -7.32 -33.10
N THR C 75 14.22 -6.32 -33.98
CA THR C 75 13.60 -5.08 -33.70
C THR C 75 12.95 -4.55 -34.97
N LEU C 76 12.19 -3.45 -34.83
CA LEU C 76 11.50 -2.84 -35.95
C LEU C 76 12.25 -1.58 -36.31
N THR C 77 12.43 -1.33 -37.60
CA THR C 77 13.07 -0.13 -38.03
C THR C 77 12.01 0.95 -37.92
N GLU C 78 12.44 2.18 -38.13
CA GLU C 78 11.53 3.31 -38.28
C GLU C 78 10.51 3.03 -39.37
N GLY C 79 10.93 2.35 -40.44
CA GLY C 79 10.09 1.95 -41.56
C GLY C 79 9.21 0.73 -41.38
N ASN C 80 9.22 0.14 -40.17
CA ASN C 80 8.36 -1.04 -39.80
C ASN C 80 8.70 -2.30 -40.62
N THR C 81 9.99 -2.42 -40.85
CA THR C 81 10.58 -3.61 -41.37
C THR C 81 11.30 -4.31 -40.24
N LEU C 82 11.36 -5.63 -40.30
CA LEU C 82 12.11 -6.41 -39.30
C LEU C 82 13.61 -6.21 -39.56
N GLN C 83 14.36 -5.97 -38.49
CA GLN C 83 15.80 -5.91 -38.58
C GLN C 83 16.41 -6.88 -37.60
N GLU C 84 17.71 -7.01 -37.71
CA GLU C 84 18.41 -7.98 -36.94
C GLU C 84 19.81 -7.49 -36.54
N PHE C 85 20.12 -7.62 -35.25
CA PHE C 85 21.48 -7.38 -34.77
C PHE C 85 22.05 -8.70 -34.42
N ALA C 86 23.29 -8.95 -34.85
CA ALA C 86 23.80 -10.32 -34.79
C ALA C 86 25.16 -10.41 -34.16
N TYR C 87 25.29 -11.29 -33.17
CA TYR C 87 26.58 -11.54 -32.53
C TYR C 87 27.04 -12.92 -32.93
N ASP C 88 28.31 -13.03 -33.30
CA ASP C 88 29.05 -14.32 -33.38
C ASP C 88 30.38 -14.26 -32.61
N SER C 89 30.58 -15.15 -31.65
CA SER C 89 31.88 -15.32 -31.01
C SER C 89 33.04 -15.25 -32.02
N GLY C 90 33.90 -14.28 -31.79
CA GLY C 90 35.09 -14.07 -32.60
C GLY C 90 34.91 -13.01 -33.66
N THR C 91 33.64 -12.73 -34.01
CA THR C 91 33.26 -11.64 -34.93
C THR C 91 32.69 -10.41 -34.21
N GLY C 92 31.92 -10.64 -33.14
CA GLY C 92 31.26 -9.56 -32.40
C GLY C 92 29.91 -9.19 -33.01
N TRP C 93 29.43 -7.97 -32.71
CA TRP C 93 28.14 -7.48 -33.20
C TRP C 93 28.26 -6.85 -34.59
N TYR C 94 27.26 -7.14 -35.42
CA TYR C 94 27.08 -6.52 -36.75
C TYR C 94 25.61 -6.53 -37.14
N ASN C 95 25.31 -5.85 -38.24
CA ASN C 95 23.95 -5.80 -38.72
C ASN C 95 23.63 -7.05 -39.48
N GLY C 96 22.56 -7.72 -39.05
CA GLY C 96 22.16 -9.01 -39.61
C GLY C 96 21.65 -8.89 -41.02
N GLY C 97 21.46 -10.04 -41.65
CA GLY C 97 20.97 -10.13 -43.02
C GLY C 97 19.47 -9.94 -43.25
N LEU C 98 18.67 -9.91 -42.18
CA LEU C 98 17.19 -9.92 -42.28
C LEU C 98 16.65 -8.59 -42.84
N GLY C 99 17.21 -7.49 -42.36
CA GLY C 99 16.85 -6.15 -42.79
C GLY C 99 16.85 -5.97 -44.30
N GLY C 100 17.70 -6.72 -45.00
CA GLY C 100 17.82 -6.63 -46.45
C GLY C 100 16.63 -7.21 -47.19
N ALA C 101 15.94 -8.17 -46.59
CA ALA C 101 14.70 -8.70 -47.18
C ALA C 101 13.61 -7.64 -47.17
N LYS C 102 13.72 -6.68 -46.23
CA LYS C 102 12.81 -5.53 -46.06
C LYS C 102 11.38 -5.95 -45.70
N PHE C 103 11.25 -6.96 -44.85
CA PHE C 103 9.93 -7.49 -44.46
C PHE C 103 9.04 -6.52 -43.74
N GLN C 104 7.95 -6.12 -44.39
CA GLN C 104 7.01 -5.12 -43.82
C GLN C 104 6.00 -5.79 -42.89
N VAL C 105 5.86 -5.24 -41.67
CA VAL C 105 4.85 -5.71 -40.70
C VAL C 105 4.01 -4.55 -40.19
N ALA C 106 2.95 -4.84 -39.46
CA ALA C 106 2.15 -3.80 -38.84
C ALA C 106 3.02 -2.98 -37.90
N PRO C 107 2.85 -1.64 -37.90
CA PRO C 107 3.63 -0.75 -36.99
C PRO C 107 3.58 -1.16 -35.51
N TYR C 108 2.46 -1.79 -35.12
CA TYR C 108 2.22 -2.30 -33.77
C TYR C 108 2.58 -3.76 -33.61
N SER C 109 3.25 -4.34 -34.60
CA SER C 109 3.62 -5.76 -34.50
C SER C 109 4.55 -6.08 -33.36
N ILE C 111 7.21 -9.31 -31.88
CA ILE C 111 8.19 -10.21 -32.50
C ILE C 111 8.61 -11.27 -31.54
N ALA C 112 8.81 -12.45 -32.09
CA ALA C 112 9.32 -13.56 -31.40
C ALA C 112 10.29 -14.30 -32.36
N ALA C 113 11.21 -15.06 -31.77
CA ALA C 113 12.29 -15.66 -32.53
C ALA C 113 12.93 -16.82 -31.80
N VAL C 114 13.10 -17.93 -32.52
CA VAL C 114 13.86 -19.06 -32.04
C VAL C 114 14.88 -19.59 -33.03
N PHE C 115 15.98 -20.06 -32.47
CA PHE C 115 16.92 -20.99 -33.12
C PHE C 115 16.36 -22.39 -33.01
N LEU C 116 16.24 -23.11 -34.12
CA LEU C 116 15.64 -24.44 -34.04
C LEU C 116 16.55 -25.32 -33.13
N ALA C 117 15.93 -26.12 -32.28
CA ALA C 117 16.64 -26.90 -31.28
C ALA C 117 17.20 -28.21 -31.84
N GLY C 118 18.40 -28.57 -31.40
CA GLY C 118 18.95 -29.92 -31.61
C GLY C 118 19.65 -30.13 -32.94
N THR C 119 20.11 -29.03 -33.52
CA THR C 119 20.97 -29.09 -34.67
C THR C 119 22.12 -28.09 -34.46
N ASP C 120 23.30 -28.46 -34.95
CA ASP C 120 24.46 -27.62 -34.79
C ASP C 120 24.37 -26.49 -35.79
N ALA C 121 23.74 -26.78 -36.93
CA ALA C 121 23.33 -25.79 -37.95
C ALA C 121 22.42 -24.67 -37.39
N LEU C 122 22.64 -23.46 -37.90
CA LEU C 122 21.92 -22.26 -37.50
C LEU C 122 20.60 -22.14 -38.30
N GLN C 123 19.49 -22.53 -37.70
CA GLN C 123 18.16 -22.43 -38.35
C GLN C 123 17.33 -21.47 -37.52
N LEU C 124 16.83 -20.40 -38.13
CA LEU C 124 15.95 -19.47 -37.43
C LEU C 124 14.49 -19.50 -37.89
N ARG C 125 13.60 -19.21 -36.93
CA ARG C 125 12.19 -18.93 -37.20
C ARG C 125 11.80 -17.67 -36.42
N ILE C 126 11.27 -16.70 -37.16
CA ILE C 126 10.82 -15.42 -36.65
C ILE C 126 9.32 -15.36 -36.90
N TYR C 127 8.59 -14.81 -35.94
CA TYR C 127 7.15 -14.63 -36.05
C TYR C 127 6.81 -13.18 -35.80
N ALA C 128 6.05 -12.60 -36.71
CA ALA C 128 5.58 -11.22 -36.58
C ALA C 128 4.17 -11.12 -37.14
N GLN C 129 3.56 -9.98 -36.89
CA GLN C 129 2.21 -9.69 -37.34
C GLN C 129 2.26 -8.80 -38.59
N LYS C 130 1.58 -9.23 -39.65
CA LYS C 130 1.48 -8.42 -40.88
C LYS C 130 0.37 -7.40 -40.76
N PRO C 131 0.24 -6.49 -41.76
CA PRO C 131 -0.75 -5.45 -41.63
C PRO C 131 -2.16 -6.00 -41.74
N ASP C 132 -2.32 -7.22 -42.20
CA ASP C 132 -3.65 -7.80 -42.21
C ASP C 132 -3.92 -8.53 -40.89
N ASN C 133 -3.12 -8.21 -39.86
CA ASN C 133 -3.08 -8.88 -38.51
C ASN C 133 -2.78 -10.38 -38.39
N THR C 134 -2.51 -11.05 -39.50
CA THR C 134 -2.11 -12.44 -39.42
C THR C 134 -0.66 -12.50 -38.97
N ILE C 135 -0.35 -13.61 -38.31
CA ILE C 135 0.96 -13.89 -37.78
C ILE C 135 1.73 -14.61 -38.85
N GLN C 136 2.88 -14.09 -39.20
CA GLN C 136 3.65 -14.64 -40.32
C GLN C 136 4.95 -15.21 -39.80
N GLU C 137 5.34 -16.39 -40.31
CA GLU C 137 6.63 -17.00 -39.99
C GLU C 137 7.63 -16.54 -41.05
N TYR C 138 8.83 -16.21 -40.64
CA TYR C 138 9.94 -15.90 -41.57
C TYR C 138 11.09 -16.80 -41.16
N MET C 139 11.71 -17.47 -42.15
CA MET C 139 12.68 -18.57 -41.99
C MET C 139 14.04 -18.24 -42.59
N TRP C 140 15.09 -18.71 -41.92
CA TRP C 140 16.46 -18.77 -42.39
C TRP C 140 16.98 -20.17 -42.05
N ASN C 141 17.30 -20.93 -43.08
CA ASN C 141 17.90 -22.26 -42.94
C ASN C 141 19.15 -22.31 -43.76
N GLY C 142 19.93 -21.24 -43.72
CA GLY C 142 21.21 -21.20 -44.40
C GLY C 142 21.07 -20.69 -45.82
N ASP C 143 19.94 -21.01 -46.44
CA ASP C 143 19.63 -20.58 -47.81
C ASP C 143 18.88 -19.26 -47.92
N GLY C 144 19.01 -18.41 -46.91
CA GLY C 144 18.42 -17.09 -47.03
C GLY C 144 16.97 -16.96 -46.57
N TRP C 145 16.60 -15.72 -46.34
CA TRP C 145 15.39 -15.36 -45.58
C TRP C 145 14.19 -15.47 -46.47
N LYS C 146 13.24 -16.30 -46.06
CA LYS C 146 11.99 -16.40 -46.77
C LYS C 146 10.82 -16.55 -45.81
N GLU C 147 9.64 -16.24 -46.33
CA GLU C 147 8.39 -16.42 -45.62
C GLU C 147 8.04 -17.89 -45.62
N GLY C 148 7.83 -18.40 -44.41
CA GLY C 148 7.31 -19.74 -44.21
C GLY C 148 5.82 -19.67 -44.07
N THR C 149 5.32 -20.29 -43.00
CA THR C 149 3.90 -20.53 -42.81
C THR C 149 3.24 -19.28 -42.19
N ASN C 150 2.06 -18.91 -42.69
CA ASN C 150 1.21 -17.93 -42.03
C ASN C 150 0.31 -18.67 -41.05
N LEU C 151 0.24 -18.14 -39.83
CA LEU C 151 -0.37 -18.85 -38.71
C LEU C 151 -1.81 -18.38 -38.45
N GLY C 152 -2.25 -17.39 -39.19
CA GLY C 152 -3.61 -16.94 -39.13
C GLY C 152 -3.83 -15.67 -38.33
N GLY C 153 -5.09 -15.29 -38.19
CA GLY C 153 -5.44 -14.05 -37.52
C GLY C 153 -4.99 -14.02 -36.06
N ALA C 154 -4.52 -12.85 -35.59
CA ALA C 154 -4.43 -12.52 -34.14
C ALA C 154 -4.97 -11.11 -33.86
N LEU C 155 -5.30 -10.84 -32.59
CA LEU C 155 -5.69 -9.50 -32.14
C LEU C 155 -4.55 -8.55 -32.54
N PRO C 156 -4.88 -7.31 -32.95
CA PRO C 156 -3.82 -6.43 -33.45
C PRO C 156 -2.83 -6.09 -32.32
N GLY C 157 -1.54 -6.28 -32.59
CA GLY C 157 -0.51 -5.97 -31.62
C GLY C 157 -0.41 -6.93 -30.44
N THR C 158 -0.93 -8.14 -30.62
CA THR C 158 -0.81 -9.18 -29.64
C THR C 158 0.62 -9.56 -29.33
N GLY C 159 0.89 -9.82 -28.05
CA GLY C 159 2.14 -10.51 -27.69
C GLY C 159 2.29 -11.81 -28.50
N ILE C 160 3.53 -12.24 -28.62
CA ILE C 160 3.84 -13.48 -29.23
C ILE C 160 4.95 -14.15 -28.40
N GLY C 161 4.68 -15.37 -27.93
CA GLY C 161 5.66 -16.18 -27.24
C GLY C 161 6.07 -17.30 -28.15
N ALA C 162 7.34 -17.70 -28.08
CA ALA C 162 7.80 -18.80 -28.91
C ALA C 162 8.89 -19.55 -28.20
N THR C 163 9.00 -20.86 -28.50
CA THR C 163 10.12 -21.69 -28.00
C THR C 163 10.25 -22.91 -28.91
N SER C 164 11.45 -23.47 -28.99
CA SER C 164 11.71 -24.66 -29.79
C SER C 164 12.46 -25.70 -28.97
N PHE C 165 12.04 -26.96 -29.09
CA PHE C 165 12.73 -28.06 -28.43
C PHE C 165 12.75 -29.25 -29.39
N ARG C 166 13.56 -30.23 -29.03
CA ARG C 166 13.60 -31.49 -29.75
C ARG C 166 13.44 -32.64 -28.79
N TYR C 167 12.32 -33.36 -28.88
CA TYR C 167 12.19 -34.62 -28.17
C TYR C 167 13.33 -35.51 -28.64
N THR C 168 13.95 -36.24 -27.72
CA THR C 168 15.13 -37.04 -28.06
C THR C 168 14.92 -38.20 -29.04
N ASP C 169 13.69 -38.67 -29.18
CA ASP C 169 13.32 -39.75 -30.14
C ASP C 169 12.77 -39.30 -31.52
N TYR C 170 12.46 -38.02 -31.67
CA TYR C 170 11.93 -37.53 -32.96
C TYR C 170 13.04 -37.03 -33.87
N ASN C 171 12.72 -36.89 -35.16
CA ASN C 171 13.74 -36.61 -36.17
C ASN C 171 14.04 -35.15 -36.42
N GLY C 172 13.36 -34.27 -35.70
CA GLY C 172 13.57 -32.84 -35.89
C GLY C 172 13.15 -31.94 -34.74
N PRO C 173 13.38 -30.62 -34.90
CA PRO C 173 12.95 -29.60 -33.95
C PRO C 173 11.46 -29.52 -33.90
N SER C 174 10.92 -29.33 -32.70
CA SER C 174 9.52 -29.04 -32.53
C SER C 174 9.37 -27.61 -32.19
N ILE C 175 8.16 -27.04 -32.31
CA ILE C 175 7.97 -25.61 -32.08
C ILE C 175 6.66 -25.32 -31.38
N ARG C 176 6.71 -24.46 -30.36
CA ARG C 176 5.49 -23.95 -29.73
C ARG C 176 5.47 -22.41 -29.74
N ILE C 177 4.35 -21.84 -30.18
CA ILE C 177 4.13 -20.37 -30.16
C ILE C 177 2.78 -20.04 -29.60
N TRP C 178 2.70 -18.93 -28.90
CA TRP C 178 1.49 -18.48 -28.29
C TRP C 178 1.22 -17.03 -28.61
N PHE C 179 -0.04 -16.73 -28.88
CA PHE C 179 -0.48 -15.36 -29.12
C PHE C 179 -1.91 -15.16 -28.64
N GLN C 180 -2.42 -13.93 -28.78
CA GLN C 180 -3.76 -13.53 -28.34
C GLN C 180 -4.71 -13.37 -29.53
N THR C 181 -5.86 -14.02 -29.49
CA THR C 181 -6.80 -13.88 -30.60
C THR C 181 -7.75 -12.73 -30.34
N ASP C 182 -8.65 -12.48 -31.30
CA ASP C 182 -9.55 -11.32 -31.28
C ASP C 182 -10.45 -11.39 -30.04
N ASP C 183 -10.80 -12.60 -29.64
CA ASP C 183 -11.69 -12.78 -28.48
C ASP C 183 -11.00 -12.59 -27.11
N LEU C 184 -9.68 -12.33 -27.09
CA LEU C 184 -8.88 -12.10 -25.85
C LEU C 184 -8.43 -13.40 -25.12
N LYS C 185 -8.68 -14.56 -25.73
CA LYS C 185 -8.07 -15.85 -25.33
C LYS C 185 -6.57 -15.77 -25.65
N LEU C 186 -5.74 -16.43 -24.85
CA LEU C 186 -4.35 -16.74 -25.25
C LEU C 186 -4.36 -18.13 -25.85
N VAL C 187 -3.72 -18.29 -26.99
CA VAL C 187 -3.71 -19.60 -27.62
C VAL C 187 -2.33 -20.12 -27.92
N GLN C 188 -2.21 -21.45 -27.93
CA GLN C 188 -1.01 -22.16 -28.46
C GLN C 188 -1.20 -22.72 -29.90
N ARG C 189 -0.18 -22.59 -30.72
CA ARG C 189 -0.12 -23.38 -31.92
C ARG C 189 1.17 -24.14 -31.89
N ALA C 190 1.20 -25.24 -32.63
CA ALA C 190 2.28 -26.23 -32.50
C ALA C 190 2.66 -26.87 -33.81
N TYR C 191 3.96 -27.08 -34.00
CA TYR C 191 4.54 -27.81 -35.12
C TYR C 191 5.43 -28.92 -34.53
N ASP C 192 5.30 -30.12 -35.09
CA ASP C 192 6.18 -31.20 -34.73
C ASP C 192 6.86 -31.66 -36.00
N PRO C 193 7.94 -32.40 -35.86
CA PRO C 193 8.75 -32.54 -37.04
C PRO C 193 8.20 -33.54 -38.06
N HIS C 194 7.24 -34.37 -37.62
CA HIS C 194 6.65 -35.46 -38.45
C HIS C 194 5.20 -35.18 -38.91
N LYS C 195 4.73 -33.96 -38.69
CA LYS C 195 3.35 -33.61 -38.99
C LYS C 195 3.20 -32.22 -39.56
N GLY C 196 4.31 -31.53 -39.75
CA GLY C 196 4.22 -30.07 -39.83
C GLY C 196 3.46 -29.44 -38.65
N TRP C 197 2.74 -28.37 -38.95
CA TRP C 197 1.91 -27.61 -38.00
C TRP C 197 0.55 -28.27 -37.81
N TYR C 198 0.16 -28.54 -36.58
CA TYR C 198 -1.22 -28.97 -36.32
C TYR C 198 -2.23 -27.86 -36.63
N PRO C 199 -3.37 -28.17 -37.30
CA PRO C 199 -4.29 -27.15 -37.78
C PRO C 199 -4.87 -26.32 -36.65
N ASP C 200 -5.24 -27.01 -35.57
CA ASP C 200 -6.01 -26.48 -34.44
C ASP C 200 -5.22 -25.67 -33.43
N LEU C 201 -5.94 -24.82 -32.72
CA LEU C 201 -5.40 -23.98 -31.64
C LEU C 201 -5.74 -24.61 -30.28
N VAL C 202 -4.88 -24.38 -29.30
CA VAL C 202 -5.11 -24.82 -27.92
C VAL C 202 -5.19 -23.59 -26.97
N THR C 203 -6.33 -23.44 -26.31
CA THR C 203 -6.53 -22.33 -25.40
C THR C 203 -5.73 -22.55 -24.15
N ILE C 204 -5.05 -21.52 -23.65
CA ILE C 204 -4.35 -21.63 -22.37
C ILE C 204 -4.76 -20.60 -21.34
N PHE C 205 -5.54 -19.60 -21.73
CA PHE C 205 -6.07 -18.64 -20.79
C PHE C 205 -7.23 -17.92 -21.47
N ASP C 206 -8.35 -17.80 -20.76
CA ASP C 206 -9.57 -17.24 -21.34
C ASP C 206 -9.45 -15.74 -21.53
N ARG C 207 -9.50 -14.98 -20.44
CA ARG C 207 -9.54 -13.52 -20.58
C ARG C 207 -8.18 -12.98 -20.17
N ALA C 208 -7.66 -12.06 -20.98
CA ALA C 208 -6.35 -11.48 -20.72
C ALA C 208 -6.33 -10.10 -21.34
N PRO C 209 -5.68 -9.15 -20.67
CA PRO C 209 -5.71 -7.77 -21.12
C PRO C 209 -5.32 -7.67 -22.61
N PRO C 210 -5.93 -6.72 -23.32
CA PRO C 210 -5.56 -6.55 -24.69
C PRO C 210 -4.04 -6.18 -24.87
N ARG C 211 -3.36 -6.88 -25.78
CA ARG C 211 -1.95 -6.65 -26.02
C ARG C 211 -1.07 -6.82 -24.77
N THR C 212 -1.51 -7.77 -23.93
CA THR C 212 -0.67 -8.26 -22.87
C THR C 212 0.63 -8.80 -23.45
N ALA C 213 1.72 -8.57 -22.77
CA ALA C 213 3.00 -9.24 -23.05
C ALA C 213 2.92 -10.75 -22.84
N ILE C 214 3.58 -11.47 -23.72
CA ILE C 214 3.57 -12.92 -23.64
C ILE C 214 4.93 -13.44 -23.88
N ALA C 215 5.35 -14.40 -23.08
CA ALA C 215 6.73 -14.89 -23.12
C ALA C 215 6.76 -16.34 -22.67
N ALA C 216 7.71 -17.12 -23.18
CA ALA C 216 7.65 -18.58 -23.02
C ALA C 216 8.99 -19.26 -23.08
N THR C 217 9.17 -20.30 -22.27
CA THR C 217 10.40 -21.13 -22.34
C THR C 217 10.09 -22.63 -22.43
N SER C 218 11.07 -23.47 -22.78
CA SER C 218 10.91 -24.95 -22.62
C SER C 218 12.19 -25.55 -22.14
N PHE C 219 12.10 -26.62 -21.34
CA PHE C 219 13.28 -27.35 -20.84
C PHE C 219 12.93 -28.80 -20.52
N GLY C 220 13.96 -29.63 -20.33
CA GLY C 220 13.76 -31.01 -19.86
C GLY C 220 13.23 -31.90 -20.95
N ALA C 221 13.66 -31.58 -22.17
CA ALA C 221 13.35 -32.34 -23.35
C ALA C 221 13.78 -33.78 -23.12
N GLY C 222 12.94 -34.72 -23.56
CA GLY C 222 13.19 -36.17 -23.39
C GLY C 222 12.52 -37.01 -24.49
N ASN C 223 12.29 -38.28 -24.16
CA ASN C 223 11.56 -39.20 -25.05
C ASN C 223 10.08 -38.88 -25.08
N SER C 224 9.65 -38.27 -26.19
CA SER C 224 8.26 -37.88 -26.38
C SER C 224 7.75 -37.09 -25.19
N SER C 225 8.63 -36.21 -24.64
CA SER C 225 8.31 -35.41 -23.43
C SER C 225 8.91 -34.01 -23.38
N ILE C 226 8.20 -33.10 -22.75
CA ILE C 226 8.66 -31.72 -22.62
C ILE C 226 8.10 -31.05 -21.38
N TYR C 227 8.77 -29.97 -20.99
CA TYR C 227 8.26 -29.04 -19.97
C TYR C 227 8.26 -27.65 -20.60
N MET C 228 7.15 -26.92 -20.46
CA MET C 228 7.03 -25.55 -21.00
C MET C 228 6.56 -24.61 -19.92
N ARG C 229 6.85 -23.31 -20.09
CA ARG C 229 6.31 -22.27 -19.20
C ARG C 229 5.92 -21.02 -20.00
N ILE C 230 4.72 -20.49 -19.78
CA ILE C 230 4.34 -19.28 -20.46
C ILE C 230 3.98 -18.19 -19.47
N TYR C 231 4.44 -16.98 -19.75
CA TYR C 231 4.21 -15.83 -18.85
C TYR C 231 3.47 -14.72 -19.57
N PHE C 232 2.62 -14.01 -18.86
CA PHE C 232 1.81 -12.95 -19.45
C PHE C 232 1.32 -12.02 -18.37
N VAL C 233 0.97 -10.80 -18.73
CA VAL C 233 0.54 -9.84 -17.73
C VAL C 233 -1.01 -9.86 -17.59
N ASN C 234 -1.49 -10.09 -16.37
CA ASN C 234 -2.91 -10.27 -16.15
C ASN C 234 -3.48 -8.95 -15.82
N SER C 235 -4.80 -8.89 -15.70
CA SER C 235 -5.44 -7.61 -15.35
C SER C 235 -5.20 -7.21 -13.90
N ASP C 236 -4.56 -8.05 -13.07
CA ASP C 236 -4.21 -7.67 -11.68
C ASP C 236 -2.81 -7.01 -11.59
N ASN C 237 -2.24 -6.66 -12.76
CA ASN C 237 -0.90 -6.10 -12.86
C ASN C 237 0.15 -7.01 -12.23
N THR C 238 -0.05 -8.30 -12.38
CA THR C 238 1.00 -9.26 -12.09
C THR C 238 1.22 -10.13 -13.30
N ILE C 239 2.41 -10.72 -13.33
CA ILE C 239 2.76 -11.73 -14.31
C ILE C 239 2.14 -12.97 -13.78
N TRP C 240 1.40 -13.65 -14.63
CA TRP C 240 0.92 -14.98 -14.31
C TRP C 240 1.75 -15.97 -15.14
N GLN C 241 1.91 -17.18 -14.62
CA GLN C 241 2.64 -18.29 -15.28
C GLN C 241 1.70 -19.44 -15.55
N VAL C 242 1.77 -20.02 -16.76
CA VAL C 242 1.07 -21.26 -17.14
C VAL C 242 2.09 -22.42 -17.28
N CYS C 243 1.69 -23.60 -16.76
CA CYS C 243 2.57 -24.76 -16.62
C CYS C 243 2.09 -25.89 -17.54
N TRP C 244 2.92 -26.25 -18.53
CA TRP C 244 2.86 -27.57 -19.12
C TRP C 244 3.86 -28.45 -18.40
N ASP C 245 3.38 -29.53 -17.81
CA ASP C 245 4.27 -30.55 -17.28
C ASP C 245 4.01 -31.81 -18.03
N HIS C 246 5.09 -32.44 -18.47
CA HIS C 246 4.99 -33.75 -19.08
C HIS C 246 4.21 -34.70 -18.18
N GLY C 247 3.21 -35.33 -18.80
CA GLY C 247 2.30 -36.27 -18.14
C GLY C 247 1.01 -35.63 -17.68
N LYS C 248 1.01 -34.30 -17.53
CA LYS C 248 -0.12 -33.57 -16.94
C LYS C 248 -0.79 -32.57 -17.89
N GLY C 249 -0.07 -32.08 -18.90
CA GLY C 249 -0.64 -31.11 -19.83
C GLY C 249 -0.70 -29.71 -19.22
N TYR C 250 -1.64 -28.88 -19.72
CA TYR C 250 -1.83 -27.53 -19.17
C TYR C 250 -2.69 -27.69 -17.93
N HIS C 251 -1.99 -27.93 -16.84
CA HIS C 251 -2.53 -28.46 -15.59
C HIS C 251 -2.57 -27.42 -14.48
N ASP C 252 -2.04 -26.23 -14.72
CA ASP C 252 -1.93 -25.24 -13.66
C ASP C 252 -1.47 -23.92 -14.18
N LYS C 253 -1.83 -22.89 -13.40
CA LYS C 253 -1.41 -21.53 -13.58
C LYS C 253 -1.58 -20.77 -12.24
N GLY C 254 -0.89 -19.63 -12.12
CA GLY C 254 -0.81 -18.84 -10.88
C GLY C 254 0.04 -17.57 -11.08
N THR C 255 -0.13 -16.62 -10.16
CA THR C 255 0.56 -15.33 -10.18
C THR C 255 2.00 -15.55 -9.75
N ILE C 256 2.92 -14.84 -10.37
CA ILE C 256 4.32 -14.97 -10.04
C ILE C 256 4.80 -13.78 -9.24
N THR C 257 4.62 -12.56 -9.76
CA THR C 257 5.22 -11.32 -9.17
C THR C 257 4.55 -10.03 -9.72
N PRO C 258 4.51 -8.95 -8.92
CA PRO C 258 3.84 -7.77 -9.51
C PRO C 258 4.68 -7.11 -10.59
N VAL C 259 4.03 -6.41 -11.50
CA VAL C 259 4.71 -5.63 -12.52
C VAL C 259 4.02 -4.30 -12.67
N ILE C 260 4.68 -3.36 -13.37
CA ILE C 260 4.03 -2.12 -13.82
C ILE C 260 2.92 -2.49 -14.84
N GLN C 261 1.88 -1.67 -14.84
CA GLN C 261 0.89 -1.61 -15.91
C GLN C 261 1.60 -1.55 -17.26
N GLY C 262 1.30 -2.53 -18.12
CA GLY C 262 1.88 -2.61 -19.47
C GLY C 262 3.33 -2.99 -19.52
N SER C 263 3.86 -3.62 -18.44
CA SER C 263 5.21 -4.18 -18.49
C SER C 263 5.30 -5.22 -19.62
N GLU C 264 6.49 -5.30 -20.19
CA GLU C 264 6.88 -6.38 -21.09
C GLU C 264 7.47 -7.49 -20.26
N VAL C 265 7.74 -8.65 -20.86
CA VAL C 265 8.29 -9.80 -20.14
C VAL C 265 9.22 -10.62 -20.97
N ALA C 266 10.30 -11.09 -20.38
CA ALA C 266 11.18 -12.08 -21.05
C ALA C 266 11.58 -13.17 -20.08
N ILE C 267 11.90 -14.34 -20.60
CA ILE C 267 12.09 -15.56 -19.82
C ILE C 267 13.23 -16.36 -20.44
N ILE C 268 14.06 -16.93 -19.59
CA ILE C 268 15.00 -17.98 -19.98
C ILE C 268 15.01 -19.07 -18.93
N SER C 269 15.55 -20.22 -19.37
CA SER C 269 15.55 -21.47 -18.61
C SER C 269 16.76 -22.32 -18.98
N TRP C 270 17.16 -23.20 -18.08
CA TRP C 270 18.17 -24.26 -18.34
C TRP C 270 18.06 -25.43 -17.34
N GLY C 271 18.66 -26.56 -17.70
CA GLY C 271 18.60 -27.80 -16.90
C GLY C 271 17.26 -28.58 -16.91
N SER C 272 16.89 -29.15 -15.76
CA SER C 272 15.73 -30.08 -15.70
C SER C 272 15.40 -30.58 -14.31
N PHE C 273 14.20 -31.12 -14.14
CA PHE C 273 13.77 -31.63 -12.84
C PHE C 273 14.67 -32.78 -12.30
N ALA C 274 15.37 -33.48 -13.18
CA ALA C 274 16.36 -34.48 -12.74
C ALA C 274 17.71 -33.89 -12.28
N ASN C 275 18.39 -33.09 -13.11
CA ASN C 275 19.76 -32.59 -12.77
C ASN C 275 19.77 -31.42 -11.79
N ASN C 276 18.89 -31.49 -10.80
CA ASN C 276 18.69 -30.39 -9.82
C ASN C 276 18.29 -29.04 -10.42
N GLY C 277 17.57 -29.10 -11.56
CA GLY C 277 16.99 -27.92 -12.16
C GLY C 277 15.48 -28.04 -12.04
N PRO C 278 14.74 -27.26 -12.84
CA PRO C 278 15.24 -26.28 -13.81
C PRO C 278 15.73 -25.00 -13.13
N ASP C 279 16.39 -24.14 -13.88
CA ASP C 279 16.59 -22.76 -13.44
C ASP C 279 15.73 -21.86 -14.29
N LEU C 280 15.01 -20.96 -13.63
CA LEU C 280 14.16 -19.96 -14.31
C LEU C 280 14.64 -18.55 -13.99
N ARG C 281 14.59 -17.66 -14.98
CA ARG C 281 14.84 -16.25 -14.76
C ARG C 281 13.85 -15.44 -15.58
N LEU C 282 13.05 -14.59 -14.93
CA LEU C 282 12.12 -13.67 -15.62
C LEU C 282 12.63 -12.26 -15.63
N TYR C 283 12.36 -11.51 -16.69
CA TYR C 283 12.73 -10.07 -16.69
C TYR C 283 11.54 -9.19 -17.08
N PHE C 284 11.39 -8.07 -16.40
CA PHE C 284 10.21 -7.23 -16.49
C PHE C 284 10.52 -5.87 -15.91
N GLN C 285 9.53 -4.98 -15.87
CA GLN C 285 9.57 -3.76 -15.01
C GLN C 285 8.46 -3.84 -13.92
N ASN C 286 8.82 -3.47 -12.69
CA ASN C 286 7.88 -3.49 -11.55
C ASN C 286 7.92 -2.21 -10.74
N GLY C 287 8.59 -1.21 -11.30
CA GLY C 287 8.64 0.11 -10.73
C GLY C 287 9.86 0.40 -9.88
N THR C 288 10.74 -0.59 -9.71
CA THR C 288 12.05 -0.36 -9.08
C THR C 288 12.82 0.79 -9.76
N TYR C 289 13.20 1.79 -8.97
CA TYR C 289 13.82 3.02 -9.46
C TYR C 289 13.00 3.65 -10.59
N ILE C 290 11.68 3.54 -10.47
CA ILE C 290 10.72 4.00 -11.44
C ILE C 290 10.78 3.11 -12.64
N SER C 291 11.89 3.10 -13.39
CA SER C 291 11.93 2.46 -14.70
C SER C 291 13.00 1.43 -14.92
N ALA C 292 13.65 0.95 -13.86
CA ALA C 292 14.64 -0.14 -14.05
C ALA C 292 13.95 -1.50 -14.39
N VAL C 293 14.73 -2.41 -14.99
CA VAL C 293 14.32 -3.83 -15.20
C VAL C 293 14.70 -4.69 -13.98
N SER C 294 13.80 -5.59 -13.57
CA SER C 294 14.00 -6.38 -12.37
C SER C 294 13.99 -7.84 -12.77
N GLU C 295 14.44 -8.69 -11.87
CA GLU C 295 14.64 -10.09 -12.16
C GLU C 295 13.86 -10.94 -11.19
N TRP C 296 13.30 -12.03 -11.66
CA TRP C 296 12.78 -13.00 -10.73
C TRP C 296 13.45 -14.36 -11.02
N VAL C 297 13.59 -15.18 -9.97
CA VAL C 297 14.44 -16.36 -9.98
C VAL C 297 13.75 -17.56 -9.35
N TRP C 298 13.86 -18.69 -10.03
CA TRP C 298 13.49 -19.97 -9.46
C TRP C 298 14.61 -20.96 -9.74
N ASN C 299 15.06 -21.66 -8.70
CA ASN C 299 15.85 -22.89 -8.87
C ASN C 299 15.43 -23.93 -7.85
N ARG C 300 16.22 -24.99 -7.67
CA ARG C 300 15.82 -26.06 -6.72
C ARG C 300 16.07 -25.71 -5.27
N ALA C 301 17.14 -24.95 -5.02
CA ALA C 301 17.59 -24.64 -3.67
C ALA C 301 16.80 -23.52 -2.96
N HIS C 302 16.54 -22.39 -3.63
CA HIS C 302 15.71 -21.36 -2.97
C HIS C 302 14.34 -21.18 -3.64
N GLY C 303 14.04 -21.95 -4.68
CA GLY C 303 12.77 -21.78 -5.36
C GLY C 303 12.47 -20.35 -5.78
N SER C 304 11.24 -19.94 -5.51
CA SER C 304 10.69 -18.72 -6.06
C SER C 304 11.12 -17.48 -5.27
N GLN C 305 12.08 -16.73 -5.80
CA GLN C 305 12.54 -15.50 -5.15
C GLN C 305 12.90 -14.35 -6.09
N LEU C 306 12.62 -13.12 -5.64
CA LEU C 306 13.07 -11.96 -6.39
C LEU C 306 14.57 -11.99 -6.51
N GLY C 307 15.04 -11.66 -7.69
CA GLY C 307 16.46 -11.60 -7.90
C GLY C 307 16.84 -10.14 -7.89
N ARG C 308 17.85 -9.85 -8.70
CA ARG C 308 18.33 -8.50 -8.88
C ARG C 308 17.20 -7.45 -9.11
N SER C 309 16.97 -6.67 -8.07
CA SER C 309 15.96 -5.61 -8.05
C SER C 309 16.12 -4.60 -9.21
N ALA C 310 17.35 -4.24 -9.54
CA ALA C 310 17.60 -3.19 -10.53
C ALA C 310 18.82 -3.54 -11.39
N LEU C 311 18.52 -3.98 -12.61
CA LEU C 311 19.52 -4.36 -13.57
C LEU C 311 20.31 -3.12 -14.01
N PRO C 312 21.59 -3.29 -14.42
CA PRO C 312 22.30 -2.15 -14.98
C PRO C 312 21.62 -1.68 -16.25
N PRO C 313 21.61 -0.35 -16.50
CA PRO C 313 22.46 0.69 -15.90
C PRO C 313 21.99 1.32 -14.61
N ALA C 314 20.92 0.80 -14.02
CA ALA C 314 20.50 1.31 -12.73
C ALA C 314 21.69 1.36 -11.79
N SER D 1 8.46 3.17 38.01
CA SER D 1 8.96 2.71 36.69
C SER D 1 10.48 2.93 36.61
N THR D 2 11.10 2.33 35.60
CA THR D 2 12.47 2.64 35.23
C THR D 2 12.46 3.11 33.79
N PRO D 3 13.49 3.84 33.38
CA PRO D 3 13.60 4.24 31.98
C PRO D 3 13.64 2.99 31.07
N GLY D 4 14.30 1.94 31.55
CA GLY D 4 14.30 0.63 30.88
C GLY D 4 12.93 0.03 30.58
N ALA D 5 12.11 -0.17 31.61
CA ALA D 5 10.75 -0.67 31.37
C ALA D 5 10.00 0.34 30.53
N GLN D 6 10.30 1.61 30.73
CA GLN D 6 9.61 2.65 29.96
C GLN D 6 9.90 2.55 28.47
N GLN D 7 10.99 1.89 28.07
CA GLN D 7 11.24 1.56 26.66
C GLN D 7 10.32 0.45 26.09
N VAL D 8 9.68 -0.33 26.95
CA VAL D 8 8.93 -1.50 26.47
C VAL D 8 7.52 -1.09 26.10
N LEU D 9 7.14 -1.36 24.84
CA LEU D 9 5.83 -0.90 24.33
C LEU D 9 4.76 -1.55 25.17
N PHE D 10 3.72 -0.81 25.49
CA PHE D 10 2.59 -1.32 26.28
C PHE D 10 1.81 -2.28 25.39
N ARG D 11 1.60 -3.50 25.81
CA ARG D 11 0.90 -4.48 24.97
C ARG D 11 1.75 -4.93 23.77
N THR D 12 3.04 -4.78 23.92
CA THR D 12 3.99 -5.35 23.01
C THR D 12 3.70 -6.83 22.64
N GLY D 13 3.96 -7.17 21.38
CA GLY D 13 4.02 -8.56 20.94
C GLY D 13 5.20 -9.14 21.72
N ILE D 14 5.03 -10.39 22.19
CA ILE D 14 6.04 -11.09 22.97
C ILE D 14 6.23 -12.53 22.42
N ALA D 15 7.47 -12.89 22.09
CA ALA D 15 7.78 -14.27 21.68
C ALA D 15 8.93 -14.72 22.50
N ALA D 16 9.08 -16.04 22.66
CA ALA D 16 10.20 -16.63 23.42
C ALA D 16 10.70 -17.93 22.79
N VAL D 17 12.00 -18.15 22.83
CA VAL D 17 12.57 -19.42 22.31
C VAL D 17 13.60 -19.93 23.29
N ASN D 18 14.01 -21.20 23.16
CA ASN D 18 14.94 -21.79 24.13
C ASN D 18 15.64 -23.07 23.72
N SER D 19 16.74 -23.32 24.42
CA SER D 19 17.43 -24.58 24.43
C SER D 19 17.56 -24.90 25.89
N THR D 20 17.15 -26.10 26.26
CA THR D 20 16.61 -26.31 27.60
C THR D 20 16.53 -24.95 28.35
N ASN D 21 17.41 -24.69 29.31
CA ASN D 21 17.24 -23.55 30.26
C ASN D 21 17.87 -22.22 29.83
N HIS D 22 18.57 -22.21 28.72
CA HIS D 22 18.93 -20.93 28.07
C HIS D 22 17.76 -20.44 27.29
N LEU D 23 17.46 -19.15 27.44
CA LEU D 23 16.20 -18.58 26.91
C LEU D 23 16.43 -17.25 26.27
N ARG D 24 15.62 -16.99 25.25
CA ARG D 24 15.51 -15.70 24.59
C ARG D 24 14.05 -15.25 24.56
N VAL D 25 13.84 -13.95 24.78
CA VAL D 25 12.53 -13.31 24.76
C VAL D 25 12.62 -12.08 23.83
N TYR D 26 11.64 -11.97 22.93
CA TYR D 26 11.61 -10.87 21.97
C TYR D 26 10.42 -9.97 22.26
N PHE D 27 10.62 -8.68 22.03
CA PHE D 27 9.63 -7.64 22.28
C PHE D 27 9.95 -6.41 21.49
N GLN D 28 9.06 -5.44 21.58
CA GLN D 28 9.21 -4.22 20.80
C GLN D 28 9.20 -3.01 21.72
N ASP D 29 10.21 -2.16 21.56
CA ASP D 29 10.30 -0.94 22.34
C ASP D 29 9.35 0.10 21.77
N VAL D 30 9.29 1.26 22.39
CA VAL D 30 8.29 2.27 21.98
C VAL D 30 8.60 2.94 20.65
N TYR D 31 9.81 2.73 20.12
CA TYR D 31 10.17 3.34 18.84
C TYR D 31 10.06 2.36 17.68
N GLY D 32 9.49 1.17 17.91
CA GLY D 32 9.28 0.22 16.81
C GLY D 32 10.26 -0.93 16.66
N SER D 33 11.41 -0.86 17.35
CA SER D 33 12.45 -1.88 17.25
C SER D 33 12.15 -3.16 18.10
N ILE D 34 12.48 -4.29 17.51
CA ILE D 34 12.39 -5.56 18.16
C ILE D 34 13.70 -5.78 18.85
N ARG D 35 13.67 -6.10 20.14
CA ARG D 35 14.92 -6.41 20.84
C ARG D 35 14.90 -7.83 21.37
N GLU D 36 16.06 -8.25 21.82
CA GLU D 36 16.21 -9.58 22.39
C GLU D 36 16.64 -9.47 23.81
N SER D 37 15.87 -10.11 24.69
CA SER D 37 16.32 -10.39 26.06
C SER D 37 16.85 -11.85 26.18
N LEU D 38 17.80 -12.06 27.09
CA LEU D 38 18.67 -13.22 27.11
C LEU D 38 18.93 -13.76 28.51
N TYR D 39 18.71 -15.07 28.69
CA TYR D 39 18.87 -15.75 30.00
C TYR D 39 19.79 -16.96 29.90
N GLU D 40 20.88 -16.94 30.67
CA GLU D 40 21.87 -18.02 30.70
C GLU D 40 22.32 -18.28 32.11
N GLY D 41 21.41 -18.36 33.05
CA GLY D 41 21.81 -18.40 34.46
C GLY D 41 21.50 -17.10 35.17
N SER D 42 21.66 -15.99 34.48
CA SER D 42 21.07 -14.76 34.94
C SER D 42 20.45 -14.08 33.73
N TRP D 43 19.63 -13.08 34.00
CA TRP D 43 19.04 -12.25 32.94
C TRP D 43 20.03 -11.18 32.52
N ALA D 44 19.91 -10.76 31.28
CA ALA D 44 20.78 -9.74 30.75
C ALA D 44 20.15 -9.12 29.50
N ASN D 45 20.78 -8.06 29.03
CA ASN D 45 20.46 -7.45 27.73
C ASN D 45 19.07 -6.77 27.71
N GLY D 46 18.37 -6.85 26.58
CA GLY D 46 17.12 -6.10 26.33
C GLY D 46 17.29 -4.64 25.92
N THR D 47 18.53 -4.17 25.82
CA THR D 47 18.86 -2.76 25.55
C THR D 47 18.80 -2.45 24.04
N GLU D 48 18.78 -1.14 23.69
CA GLU D 48 18.87 -0.74 22.26
C GLU D 48 20.19 -1.26 21.71
N LYS D 49 21.06 -1.69 22.61
CA LYS D 49 22.27 -2.42 22.19
C LYS D 49 21.92 -3.77 21.53
N ASN D 50 20.70 -4.29 21.76
CA ASN D 50 20.31 -5.65 21.36
C ASN D 50 19.14 -5.66 20.42
N VAL D 51 19.11 -4.66 19.52
CA VAL D 51 18.13 -4.60 18.44
C VAL D 51 18.46 -5.58 17.33
N ILE D 52 17.48 -6.39 16.98
CA ILE D 52 17.65 -7.34 15.90
C ILE D 52 16.96 -6.88 14.61
N GLY D 53 16.30 -5.72 14.67
CA GLY D 53 15.60 -5.16 13.52
C GLY D 53 14.40 -4.31 13.95
N ASN D 54 13.61 -3.89 12.97
CA ASN D 54 12.48 -2.98 13.17
C ASN D 54 11.19 -3.48 12.55
N ALA D 55 10.07 -3.04 13.09
CA ALA D 55 8.81 -3.47 12.56
C ALA D 55 7.78 -2.36 12.69
N LYS D 56 6.58 -2.59 12.16
CA LYS D 56 5.51 -1.60 12.37
C LYS D 56 5.12 -1.60 13.85
N LEU D 57 4.80 -0.42 14.36
CA LEU D 57 4.29 -0.27 15.71
C LEU D 57 3.00 -1.02 15.94
N GLY D 58 2.98 -1.75 17.06
CA GLY D 58 1.87 -2.66 17.41
C GLY D 58 1.96 -3.99 16.71
N SER D 59 3.12 -4.27 16.12
CA SER D 59 3.30 -5.49 15.34
C SER D 59 3.20 -6.73 16.24
N PRO D 60 2.60 -7.79 15.71
CA PRO D 60 2.78 -9.06 16.39
C PRO D 60 4.26 -9.48 16.32
N VAL D 61 4.65 -10.37 17.25
CA VAL D 61 6.02 -10.90 17.37
C VAL D 61 5.98 -12.41 17.73
N ALA D 62 6.47 -13.23 16.80
CA ALA D 62 6.53 -14.66 16.93
C ALA D 62 7.95 -15.12 16.70
N ALA D 63 8.33 -16.24 17.32
CA ALA D 63 9.66 -16.81 17.09
C ALA D 63 9.75 -18.30 17.40
N THR D 64 10.63 -18.96 16.69
CA THR D 64 10.71 -20.40 16.76
C THR D 64 12.17 -20.63 16.61
N SER D 65 12.64 -21.77 17.08
CA SER D 65 14.04 -22.06 17.10
C SER D 65 14.29 -23.55 17.00
N LYS D 66 15.49 -23.90 16.49
CA LYS D 66 16.05 -25.23 16.62
C LYS D 66 17.12 -25.08 17.67
N GLU D 67 16.72 -25.34 18.90
CA GLU D 67 17.55 -25.04 20.08
C GLU D 67 17.85 -23.54 20.03
N LEU D 68 19.09 -23.14 20.27
CA LEU D 68 19.47 -21.76 20.06
C LEU D 68 20.50 -21.59 18.92
N LYS D 69 20.62 -22.64 18.11
CA LYS D 69 21.46 -22.67 16.86
C LYS D 69 20.79 -21.91 15.72
N HIS D 70 19.49 -22.14 15.61
CA HIS D 70 18.73 -21.49 14.55
C HIS D 70 17.54 -20.82 15.20
N ILE D 71 17.51 -19.48 15.13
CA ILE D 71 16.38 -18.70 15.61
C ILE D 71 15.81 -17.90 14.47
N ARG D 72 14.50 -17.72 14.50
CA ARG D 72 13.81 -16.96 13.48
C ARG D 72 12.72 -16.16 14.15
N VAL D 73 12.66 -14.85 13.86
CA VAL D 73 11.68 -13.99 14.47
C VAL D 73 10.89 -13.32 13.36
N TYR D 74 9.56 -13.38 13.50
CA TYR D 74 8.63 -12.94 12.49
C TYR D 74 7.78 -11.73 12.91
N THR D 75 7.84 -10.68 12.10
CA THR D 75 7.04 -9.47 12.38
C THR D 75 6.39 -9.14 11.07
N LEU D 76 5.59 -8.06 11.07
CA LEU D 76 5.11 -7.37 9.89
C LEU D 76 5.86 -6.03 9.69
N THR D 77 6.09 -5.70 8.44
CA THR D 77 6.68 -4.43 8.04
C THR D 77 5.61 -3.33 8.16
N GLU D 78 5.91 -2.12 7.75
CA GLU D 78 4.89 -1.06 7.70
C GLU D 78 3.84 -1.32 6.65
N GLY D 79 4.24 -1.98 5.55
CA GLY D 79 3.32 -2.27 4.46
C GLY D 79 2.50 -3.50 4.73
N ASN D 80 2.46 -3.90 6.01
CA ASN D 80 1.82 -5.14 6.37
C ASN D 80 2.20 -6.37 5.50
N THR D 81 3.48 -6.52 5.18
CA THR D 81 3.98 -7.79 4.65
C THR D 81 4.75 -8.54 5.72
N LEU D 82 4.85 -9.87 5.59
CA LEU D 82 5.58 -10.68 6.54
C LEU D 82 7.07 -10.46 6.30
N GLN D 83 7.83 -10.37 7.39
CA GLN D 83 9.29 -10.22 7.35
C GLN D 83 9.89 -11.08 8.48
N GLU D 84 11.21 -11.33 8.40
CA GLU D 84 11.83 -12.43 9.17
C GLU D 84 13.21 -12.04 9.58
N PHE D 85 13.49 -12.11 10.89
CA PHE D 85 14.84 -11.84 11.42
C PHE D 85 15.50 -13.14 11.83
N ALA D 86 16.72 -13.39 11.33
CA ALA D 86 17.34 -14.73 11.44
C ALA D 86 18.73 -14.81 12.09
N TYR D 87 18.89 -15.75 13.02
CA TYR D 87 20.18 -16.10 13.61
C TYR D 87 20.58 -17.54 13.30
N ASP D 88 21.69 -17.75 12.63
CA ASP D 88 22.37 -19.05 12.71
C ASP D 88 23.65 -18.93 13.55
N SER D 89 23.97 -19.99 14.28
CA SER D 89 25.25 -20.04 14.97
C SER D 89 26.38 -19.94 13.96
N GLY D 90 27.31 -19.02 14.19
CA GLY D 90 28.52 -18.94 13.34
C GLY D 90 28.42 -17.88 12.27
N THR D 91 27.22 -17.66 11.76
CA THR D 91 26.90 -16.46 10.97
C THR D 91 26.48 -15.27 11.83
N GLY D 92 25.75 -15.55 12.92
CA GLY D 92 25.05 -14.47 13.64
C GLY D 92 23.69 -14.06 13.04
N TRP D 93 23.23 -12.87 13.38
CA TRP D 93 21.97 -12.32 12.85
C TRP D 93 22.13 -11.77 11.46
N TYR D 94 20.98 -11.70 10.77
CA TYR D 94 20.83 -11.15 9.39
C TYR D 94 19.32 -11.17 9.01
N ASN D 95 18.88 -10.28 8.10
CA ASN D 95 17.53 -10.34 7.48
C ASN D 95 17.22 -11.66 6.76
N GLY D 96 16.11 -12.29 7.09
CA GLY D 96 15.76 -13.55 6.42
C GLY D 96 15.15 -13.31 5.06
N GLY D 97 14.84 -14.42 4.37
CA GLY D 97 14.31 -14.38 2.98
C GLY D 97 12.83 -14.14 2.84
N LEU D 98 12.07 -14.43 3.89
CA LEU D 98 10.63 -14.18 3.92
C LEU D 98 10.21 -12.82 3.40
N GLY D 99 10.99 -11.81 3.72
CA GLY D 99 10.68 -10.43 3.38
C GLY D 99 10.41 -10.24 1.91
N GLY D 100 11.19 -10.93 1.09
CA GLY D 100 11.17 -10.74 -0.36
C GLY D 100 9.92 -11.21 -1.06
N ALA D 101 9.26 -12.23 -0.51
CA ALA D 101 7.99 -12.73 -1.09
C ALA D 101 6.82 -11.71 -1.02
N LYS D 102 6.95 -10.73 -0.11
CA LYS D 102 5.96 -9.67 0.14
C LYS D 102 4.57 -10.25 0.37
N PHE D 103 4.47 -11.23 1.25
CA PHE D 103 3.16 -11.76 1.59
C PHE D 103 2.34 -10.69 2.29
N GLN D 104 1.33 -10.21 1.57
CA GLN D 104 0.39 -9.21 2.08
C GLN D 104 -0.57 -9.86 3.07
N VAL D 105 -0.63 -9.37 4.30
CA VAL D 105 -1.56 -9.93 5.27
C VAL D 105 -2.51 -8.88 5.82
N ALA D 106 -3.53 -9.30 6.55
CA ALA D 106 -4.39 -8.30 7.18
C ALA D 106 -3.53 -7.40 8.10
N PRO D 107 -3.74 -6.08 8.03
CA PRO D 107 -3.05 -5.15 8.91
C PRO D 107 -3.14 -5.44 10.40
N TYR D 108 -4.16 -6.21 10.81
CA TYR D 108 -4.40 -6.58 12.24
C TYR D 108 -4.02 -8.05 12.49
N SER D 109 -3.23 -8.65 11.61
CA SER D 109 -2.89 -10.06 11.64
C SER D 109 -1.98 -10.42 12.80
N ILE D 111 0.61 -13.52 14.23
CA ILE D 111 1.57 -14.43 13.59
C ILE D 111 1.94 -15.58 14.55
N ALA D 112 2.10 -16.78 14.00
CA ALA D 112 2.68 -17.93 14.70
C ALA D 112 3.67 -18.66 13.81
N ALA D 113 4.66 -19.30 14.43
CA ALA D 113 5.71 -19.98 13.68
C ALA D 113 6.25 -21.16 14.44
N VAL D 114 6.53 -22.23 13.70
CA VAL D 114 7.22 -23.37 14.25
C VAL D 114 8.25 -23.90 13.26
N PHE D 115 9.42 -24.25 13.79
CA PHE D 115 10.27 -25.24 13.15
C PHE D 115 9.59 -26.61 13.27
N LEU D 116 9.51 -27.36 12.18
CA LEU D 116 9.00 -28.74 12.27
C LEU D 116 9.97 -29.63 13.08
N ALA D 117 9.37 -30.43 13.96
CA ALA D 117 10.12 -31.20 14.97
C ALA D 117 10.64 -32.55 14.49
N GLY D 118 11.82 -32.90 14.98
CA GLY D 118 12.39 -34.22 14.76
C GLY D 118 13.02 -34.39 13.41
N THR D 119 13.41 -33.31 12.77
CA THR D 119 14.07 -33.35 11.48
C THR D 119 15.38 -32.59 11.43
N ASP D 120 16.32 -33.13 10.68
CA ASP D 120 17.62 -32.52 10.52
C ASP D 120 17.49 -31.24 9.70
N ALA D 121 16.67 -31.32 8.66
CA ALA D 121 16.48 -30.19 7.77
C ALA D 121 15.64 -29.08 8.41
N LEU D 122 16.01 -27.84 8.11
CA LEU D 122 15.29 -26.68 8.61
C LEU D 122 14.06 -26.52 7.72
N GLN D 123 12.91 -26.87 8.30
CA GLN D 123 11.58 -26.73 7.69
C GLN D 123 10.76 -25.82 8.61
N LEU D 124 10.15 -24.77 8.05
CA LEU D 124 9.31 -23.80 8.83
C LEU D 124 7.86 -23.74 8.37
N ARG D 125 6.96 -23.45 9.31
CA ARG D 125 5.54 -23.22 8.98
C ARG D 125 5.05 -22.02 9.70
N ILE D 126 4.64 -21.01 8.95
CA ILE D 126 4.25 -19.72 9.49
C ILE D 126 2.78 -19.54 9.28
N TYR D 127 2.11 -18.92 10.25
CA TYR D 127 0.69 -18.78 10.20
C TYR D 127 0.28 -17.32 10.42
N ALA D 128 -0.57 -16.84 9.53
CA ALA D 128 -1.08 -15.48 9.58
C ALA D 128 -2.49 -15.35 8.98
N GLN D 129 -3.09 -14.18 9.19
CA GLN D 129 -4.44 -13.85 8.69
C GLN D 129 -4.44 -12.94 7.44
N LYS D 130 -5.02 -13.42 6.35
CA LYS D 130 -5.20 -12.60 5.15
C LYS D 130 -6.30 -11.54 5.30
N PRO D 131 -6.35 -10.58 4.38
CA PRO D 131 -7.41 -9.54 4.38
C PRO D 131 -8.86 -10.05 4.36
N ASP D 132 -9.09 -11.26 3.83
CA ASP D 132 -10.38 -11.95 3.91
C ASP D 132 -10.58 -12.74 5.25
N ASN D 133 -9.63 -12.62 6.19
CA ASN D 133 -9.72 -13.24 7.53
C ASN D 133 -9.48 -14.77 7.68
N THR D 134 -8.96 -15.41 6.63
CA THR D 134 -8.54 -16.76 6.65
C THR D 134 -7.07 -16.85 7.08
N ILE D 135 -6.74 -17.99 7.70
CA ILE D 135 -5.43 -18.28 8.32
C ILE D 135 -4.60 -19.01 7.29
N GLN D 136 -3.58 -18.34 6.75
CA GLN D 136 -2.77 -18.93 5.72
C GLN D 136 -1.55 -19.53 6.40
N GLU D 137 -1.18 -20.72 5.97
CA GLU D 137 0.09 -21.29 6.29
C GLU D 137 1.06 -20.91 5.16
N TYR D 138 2.30 -20.60 5.53
CA TYR D 138 3.39 -20.38 4.58
C TYR D 138 4.54 -21.28 4.97
N MET D 139 5.17 -21.89 3.96
CA MET D 139 6.11 -23.00 4.16
C MET D 139 7.48 -22.61 3.69
N TRP D 140 8.49 -23.09 4.39
CA TRP D 140 9.83 -23.11 3.84
C TRP D 140 10.41 -24.51 4.09
N ASN D 141 10.84 -25.16 3.01
CA ASN D 141 11.32 -26.56 3.06
C ASN D 141 12.61 -26.68 2.27
N GLY D 142 13.67 -26.09 2.79
CA GLY D 142 14.94 -25.96 2.06
C GLY D 142 14.90 -25.03 0.85
N ASP D 143 13.73 -24.92 0.19
CA ASP D 143 13.63 -24.49 -1.22
C ASP D 143 12.57 -23.41 -1.48
N GLY D 144 12.78 -22.24 -0.89
CA GLY D 144 11.98 -21.06 -1.16
C GLY D 144 10.70 -20.99 -0.35
N TRP D 145 10.19 -19.78 -0.15
CA TRP D 145 8.91 -19.60 0.56
C TRP D 145 7.78 -19.77 -0.41
N LYS D 146 6.79 -20.57 -0.03
CA LYS D 146 5.57 -20.71 -0.86
C LYS D 146 4.35 -20.89 0.02
N GLU D 147 3.19 -20.57 -0.50
CA GLU D 147 1.96 -20.72 0.23
C GLU D 147 1.67 -22.21 0.39
N GLY D 148 1.22 -22.59 1.59
CA GLY D 148 0.78 -23.97 1.84
C GLY D 148 -0.70 -24.03 1.94
N THR D 149 -1.19 -24.76 2.92
CA THR D 149 -2.60 -24.97 3.10
C THR D 149 -3.24 -23.75 3.78
N ASN D 150 -4.42 -23.35 3.32
CA ASN D 150 -5.22 -22.35 3.99
C ASN D 150 -6.28 -22.97 4.89
N LEU D 151 -6.29 -22.59 6.17
CA LEU D 151 -7.03 -23.29 7.19
C LEU D 151 -8.38 -22.65 7.51
N GLY D 152 -8.80 -21.65 6.73
CA GLY D 152 -10.15 -21.14 6.86
C GLY D 152 -10.35 -19.90 7.73
N GLY D 153 -11.63 -19.56 7.91
CA GLY D 153 -12.02 -18.35 8.60
C GLY D 153 -11.65 -18.30 10.06
N ALA D 154 -11.24 -17.14 10.51
CA ALA D 154 -11.13 -16.90 11.96
C ALA D 154 -11.62 -15.50 12.26
N LEU D 155 -11.75 -15.23 13.55
CA LEU D 155 -12.03 -13.88 14.06
C LEU D 155 -10.98 -12.87 13.52
N PRO D 156 -11.43 -11.66 13.05
CA PRO D 156 -10.43 -10.71 12.56
C PRO D 156 -9.57 -10.16 13.71
N GLY D 157 -8.26 -10.31 13.57
CA GLY D 157 -7.27 -10.04 14.65
C GLY D 157 -7.09 -11.14 15.71
N THR D 158 -7.52 -12.37 15.38
CA THR D 158 -7.38 -13.55 16.24
C THR D 158 -5.94 -13.76 16.64
N GLY D 159 -5.75 -14.23 17.85
CA GLY D 159 -4.43 -14.78 18.25
C GLY D 159 -4.21 -16.07 17.46
N ILE D 160 -2.95 -16.37 17.17
CA ILE D 160 -2.57 -17.70 16.63
C ILE D 160 -1.52 -18.39 17.53
N GLY D 161 -1.83 -19.58 17.95
CA GLY D 161 -0.93 -20.39 18.75
C GLY D 161 -0.54 -21.57 17.91
N ALA D 162 0.72 -21.96 17.99
CA ALA D 162 1.21 -23.05 17.19
C ALA D 162 2.32 -23.81 17.89
N THR D 163 2.42 -25.09 17.56
CA THR D 163 3.40 -26.03 18.09
C THR D 163 3.62 -27.23 17.12
N SER D 164 4.83 -27.80 17.16
CA SER D 164 5.14 -29.04 16.42
C SER D 164 5.87 -30.03 17.32
N PHE D 165 5.57 -31.31 17.12
CA PHE D 165 6.22 -32.39 17.82
C PHE D 165 6.26 -33.60 16.88
N ARG D 166 7.05 -34.61 17.23
CA ARG D 166 7.08 -35.84 16.46
C ARG D 166 6.77 -37.08 17.30
N TYR D 167 5.70 -37.79 16.91
CA TYR D 167 5.41 -39.09 17.49
C TYR D 167 6.55 -40.01 17.13
N THR D 168 7.22 -40.53 18.15
CA THR D 168 8.44 -41.30 17.97
C THR D 168 8.18 -42.53 17.09
N ASP D 169 6.91 -42.84 16.86
CA ASP D 169 6.54 -44.01 16.07
C ASP D 169 6.16 -43.68 14.64
N TYR D 170 6.06 -42.40 14.30
CA TYR D 170 5.49 -42.01 12.98
C TYR D 170 6.51 -41.35 12.07
N ASN D 171 6.16 -41.18 10.80
CA ASN D 171 7.13 -40.88 9.76
C ASN D 171 7.53 -39.42 9.58
N GLY D 172 7.11 -38.55 10.48
CA GLY D 172 7.41 -37.16 10.33
C GLY D 172 6.67 -36.32 11.35
N PRO D 173 6.78 -34.99 11.20
CA PRO D 173 6.30 -34.01 12.15
C PRO D 173 4.80 -33.96 12.26
N SER D 174 4.31 -33.69 13.46
CA SER D 174 2.94 -33.23 13.64
C SER D 174 2.96 -31.74 14.01
N ILE D 175 1.86 -31.07 13.64
CA ILE D 175 1.59 -29.68 14.00
C ILE D 175 0.18 -29.53 14.61
N ARG D 176 0.05 -28.61 15.55
CA ARG D 176 -1.26 -28.16 15.99
C ARG D 176 -1.24 -26.64 16.02
N ILE D 177 -2.37 -26.06 15.66
CA ILE D 177 -2.55 -24.63 15.72
C ILE D 177 -3.84 -24.35 16.40
N TRP D 178 -3.94 -23.14 16.87
CA TRP D 178 -5.07 -22.76 17.65
C TRP D 178 -5.37 -21.32 17.26
N PHE D 179 -6.64 -21.02 17.03
CA PHE D 179 -7.08 -19.68 16.80
C PHE D 179 -8.49 -19.49 17.33
N GLN D 180 -9.05 -18.30 17.14
CA GLN D 180 -10.38 -17.98 17.65
C GLN D 180 -11.25 -17.88 16.44
N THR D 181 -12.49 -18.35 16.54
CA THR D 181 -13.48 -18.23 15.47
C THR D 181 -14.51 -17.08 15.72
N ASP D 182 -15.30 -16.75 14.70
CA ASP D 182 -16.23 -15.58 14.74
C ASP D 182 -17.23 -15.68 15.90
N ASP D 183 -17.57 -16.89 16.34
CA ASP D 183 -18.46 -17.11 17.48
C ASP D 183 -17.77 -16.95 18.83
N LEU D 184 -16.50 -16.55 18.82
CA LEU D 184 -15.68 -16.31 20.03
C LEU D 184 -15.14 -17.56 20.76
N LYS D 185 -15.45 -18.74 20.27
CA LYS D 185 -14.83 -20.00 20.73
C LYS D 185 -13.34 -20.00 20.44
N LEU D 186 -12.59 -20.84 21.16
CA LEU D 186 -11.18 -21.15 20.78
C LEU D 186 -11.09 -22.57 20.25
N VAL D 187 -10.49 -22.71 19.06
CA VAL D 187 -10.41 -24.01 18.37
C VAL D 187 -9.01 -24.39 17.98
N GLN D 188 -8.80 -25.70 17.92
CA GLN D 188 -7.63 -26.29 17.38
C GLN D 188 -7.90 -26.80 15.97
N ARG D 189 -6.87 -26.74 15.14
CA ARG D 189 -6.80 -27.61 13.97
C ARG D 189 -5.52 -28.36 14.02
N ALA D 190 -5.45 -29.42 13.24
CA ALA D 190 -4.40 -30.43 13.44
C ALA D 190 -3.78 -30.98 12.18
N TYR D 191 -2.45 -31.06 12.19
CA TYR D 191 -1.68 -31.77 11.16
C TYR D 191 -1.04 -33.02 11.72
N ASP D 192 -1.32 -34.20 11.13
CA ASP D 192 -0.53 -35.45 11.39
C ASP D 192 0.10 -35.96 10.12
N PRO D 193 1.38 -36.30 10.19
CA PRO D 193 2.26 -36.58 9.04
C PRO D 193 1.79 -37.74 8.18
N HIS D 194 1.01 -38.62 8.79
CA HIS D 194 0.42 -39.76 8.13
C HIS D 194 -0.91 -39.44 7.44
N LYS D 195 -1.57 -38.37 7.84
CA LYS D 195 -2.93 -38.12 7.34
C LYS D 195 -3.20 -36.69 6.89
N GLY D 196 -2.22 -35.80 6.92
CA GLY D 196 -2.44 -34.40 6.56
C GLY D 196 -3.27 -33.58 7.54
N TRP D 197 -3.70 -32.42 7.07
CA TRP D 197 -4.68 -31.60 7.78
C TRP D 197 -5.93 -32.41 7.91
N TYR D 198 -6.38 -32.62 9.14
CA TYR D 198 -7.68 -33.16 9.40
C TYR D 198 -8.70 -32.06 9.01
N PRO D 199 -9.87 -32.47 8.49
CA PRO D 199 -10.87 -31.51 8.11
C PRO D 199 -11.35 -30.67 9.27
N ASP D 200 -11.54 -31.28 10.43
CA ASP D 200 -12.35 -30.68 11.47
C ASP D 200 -11.60 -29.88 12.55
N LEU D 201 -12.38 -29.04 13.19
CA LEU D 201 -11.91 -28.09 14.16
C LEU D 201 -12.26 -28.69 15.48
N VAL D 202 -11.38 -28.62 16.48
CA VAL D 202 -11.73 -29.10 17.83
C VAL D 202 -11.81 -27.91 18.79
N THR D 203 -12.93 -27.79 19.50
CA THR D 203 -13.12 -26.68 20.42
C THR D 203 -12.37 -26.95 21.71
N ILE D 204 -11.59 -25.98 22.15
CA ILE D 204 -10.87 -26.07 23.41
C ILE D 204 -11.27 -25.07 24.50
N PHE D 205 -12.09 -24.08 24.14
CA PHE D 205 -12.64 -23.12 25.10
C PHE D 205 -13.91 -22.47 24.49
N ASP D 206 -14.96 -22.37 25.30
CA ASP D 206 -16.30 -22.11 24.77
C ASP D 206 -16.56 -20.64 24.40
N ARG D 207 -15.74 -19.73 24.92
CA ARG D 207 -15.94 -18.31 24.68
C ARG D 207 -14.77 -17.58 25.29
N ALA D 208 -14.07 -16.80 24.49
CA ALA D 208 -13.01 -15.96 25.02
C ALA D 208 -13.14 -14.49 24.53
N PRO D 209 -12.32 -13.61 25.13
CA PRO D 209 -12.40 -12.26 24.69
C PRO D 209 -11.85 -12.13 23.28
N PRO D 210 -12.46 -11.23 22.49
CA PRO D 210 -12.08 -11.05 21.07
C PRO D 210 -10.61 -10.58 20.93
N ARG D 211 -9.84 -11.25 20.08
CA ARG D 211 -8.48 -10.85 19.72
C ARG D 211 -7.48 -11.18 20.81
N THR D 212 -7.98 -11.94 21.78
CA THR D 212 -7.21 -12.28 22.98
C THR D 212 -5.93 -13.01 22.56
N ALA D 213 -4.90 -13.00 23.43
CA ALA D 213 -3.63 -13.67 23.08
C ALA D 213 -3.77 -15.18 23.15
N ILE D 214 -2.99 -15.88 22.31
CA ILE D 214 -3.00 -17.36 22.20
C ILE D 214 -1.58 -17.94 21.91
N ALA D 215 -1.11 -18.80 22.83
CA ALA D 215 0.25 -19.32 22.79
C ALA D 215 0.23 -20.75 23.34
N ALA D 216 1.11 -21.56 22.80
CA ALA D 216 1.05 -22.97 22.97
C ALA D 216 2.39 -23.66 22.70
N THR D 217 2.54 -24.82 23.34
CA THR D 217 3.79 -25.53 23.42
C THR D 217 3.42 -26.98 23.59
N SER D 218 4.38 -27.85 23.28
CA SER D 218 4.21 -29.28 23.44
C SER D 218 5.52 -29.83 23.89
N PHE D 219 5.47 -31.00 24.53
CA PHE D 219 6.65 -31.66 25.11
C PHE D 219 6.31 -33.09 25.46
N GLY D 220 7.36 -33.90 25.69
CA GLY D 220 7.23 -35.28 26.14
C GLY D 220 6.56 -36.15 25.09
N ALA D 221 6.90 -35.87 23.82
CA ALA D 221 6.42 -36.63 22.65
C ALA D 221 7.05 -38.02 22.66
N GLY D 222 6.21 -39.04 22.75
CA GLY D 222 6.67 -40.44 22.79
C GLY D 222 5.88 -41.18 21.75
N ASN D 223 5.69 -42.47 21.93
CA ASN D 223 4.98 -43.29 20.94
C ASN D 223 3.47 -43.03 20.95
N SER D 224 2.99 -42.31 19.93
CA SER D 224 1.56 -42.01 19.78
C SER D 224 1.10 -41.15 20.95
N SER D 225 2.07 -40.54 21.63
CA SER D 225 1.80 -39.78 22.83
C SER D 225 2.37 -38.36 22.70
N ILE D 226 1.62 -37.40 23.27
CA ILE D 226 2.06 -36.00 23.29
C ILE D 226 1.44 -35.23 24.44
N TYR D 227 2.13 -34.23 24.92
CA TYR D 227 1.59 -33.40 25.99
C TYR D 227 1.55 -31.96 25.49
N MET D 228 0.39 -31.31 25.61
CA MET D 228 0.24 -29.94 25.09
C MET D 228 -0.32 -29.02 26.13
N ARG D 229 0.01 -27.75 26.02
CA ARG D 229 -0.49 -26.72 26.92
C ARG D 229 -0.75 -25.49 26.08
N ILE D 230 -1.93 -24.92 26.21
CA ILE D 230 -2.31 -23.68 25.51
C ILE D 230 -2.63 -22.59 26.53
N TYR D 231 -2.23 -21.36 26.21
CA TYR D 231 -2.52 -20.22 27.08
C TYR D 231 -3.20 -19.09 26.33
N PHE D 232 -4.27 -18.53 26.91
CA PHE D 232 -4.97 -17.35 26.40
C PHE D 232 -5.29 -16.40 27.57
N VAL D 233 -5.70 -15.18 27.25
CA VAL D 233 -6.13 -14.21 28.26
C VAL D 233 -7.66 -14.16 28.39
N ASN D 234 -8.22 -14.60 29.51
CA ASN D 234 -9.68 -14.63 29.67
C ASN D 234 -10.26 -13.30 30.12
N SER D 235 -11.57 -13.23 30.28
CA SER D 235 -12.27 -12.02 30.75
C SER D 235 -11.97 -11.57 32.20
N ASP D 236 -11.32 -12.41 32.99
CA ASP D 236 -10.93 -12.03 34.35
C ASP D 236 -9.53 -11.40 34.34
N ASN D 237 -9.01 -11.07 33.16
CA ASN D 237 -7.69 -10.44 33.07
C ASN D 237 -6.62 -11.36 33.66
N THR D 238 -6.70 -12.66 33.31
CA THR D 238 -5.73 -13.66 33.73
C THR D 238 -5.40 -14.57 32.56
N ILE D 239 -4.18 -15.05 32.51
CA ILE D 239 -3.88 -16.16 31.62
C ILE D 239 -4.58 -17.42 32.15
N TRP D 240 -5.30 -18.12 31.27
CA TRP D 240 -5.84 -19.45 31.54
C TRP D 240 -5.02 -20.48 30.75
N GLN D 241 -4.88 -21.68 31.31
CA GLN D 241 -4.17 -22.81 30.71
C GLN D 241 -5.16 -23.87 30.34
N VAL D 242 -5.03 -24.38 29.11
CA VAL D 242 -5.73 -25.56 28.63
C VAL D 242 -4.71 -26.73 28.52
N CYS D 243 -5.05 -27.86 29.14
CA CYS D 243 -4.16 -29.01 29.16
C CYS D 243 -4.62 -30.15 28.24
N TRP D 244 -3.70 -30.62 27.38
CA TRP D 244 -3.83 -31.93 26.78
C TRP D 244 -2.79 -32.77 27.49
N ASP D 245 -3.22 -33.94 27.93
CA ASP D 245 -2.36 -34.93 28.53
C ASP D 245 -2.61 -36.25 27.84
N HIS D 246 -1.53 -36.99 27.60
CA HIS D 246 -1.66 -38.31 27.01
C HIS D 246 -2.51 -39.23 27.87
N GLY D 247 -3.60 -39.73 27.29
CA GLY D 247 -4.43 -40.77 27.91
C GLY D 247 -5.60 -40.24 28.69
N LYS D 248 -5.78 -38.90 28.63
CA LYS D 248 -6.93 -38.15 29.21
C LYS D 248 -7.52 -37.12 28.25
N GLY D 249 -6.70 -36.55 27.36
CA GLY D 249 -7.19 -35.65 26.31
C GLY D 249 -7.15 -34.22 26.79
N TYR D 250 -8.09 -33.41 26.31
CA TYR D 250 -8.29 -32.06 26.78
C TYR D 250 -9.16 -32.13 28.01
N HIS D 251 -8.56 -31.90 29.17
CA HIS D 251 -9.24 -32.31 30.39
C HIS D 251 -9.27 -31.29 31.49
N ASP D 252 -8.57 -30.16 31.32
CA ASP D 252 -8.36 -29.27 32.43
C ASP D 252 -8.20 -27.81 31.97
N LYS D 253 -8.87 -26.91 32.68
CA LYS D 253 -8.72 -25.50 32.40
C LYS D 253 -8.99 -24.66 33.61
N GLY D 254 -8.18 -23.62 33.75
CA GLY D 254 -8.29 -22.70 34.86
C GLY D 254 -7.31 -21.54 34.76
N THR D 255 -7.56 -20.52 35.55
CA THR D 255 -6.61 -19.43 35.69
C THR D 255 -5.17 -19.89 35.99
N ILE D 256 -4.21 -19.02 35.69
CA ILE D 256 -2.81 -19.26 36.00
C ILE D 256 -2.18 -18.10 36.78
N THR D 257 -2.32 -16.87 36.26
CA THR D 257 -1.68 -15.66 36.84
C THR D 257 -2.33 -14.40 36.21
N PRO D 258 -2.32 -13.27 36.96
CA PRO D 258 -2.85 -12.01 36.44
C PRO D 258 -2.04 -11.34 35.34
N VAL D 259 -2.75 -10.63 34.45
CA VAL D 259 -2.15 -9.78 33.44
C VAL D 259 -2.81 -8.43 33.31
N ILE D 260 -2.12 -7.52 32.65
CA ILE D 260 -2.74 -6.30 32.19
C ILE D 260 -3.86 -6.62 31.16
N GLN D 261 -4.90 -5.80 31.18
CA GLN D 261 -5.93 -5.88 30.18
C GLN D 261 -5.23 -5.88 28.82
N GLY D 262 -5.56 -6.87 27.98
CA GLY D 262 -4.95 -6.97 26.64
C GLY D 262 -3.51 -7.45 26.53
N SER D 263 -2.93 -7.97 27.61
CA SER D 263 -1.56 -8.49 27.56
C SER D 263 -1.37 -9.51 26.49
N GLU D 264 -0.16 -9.57 25.91
CA GLU D 264 0.21 -10.66 25.05
C GLU D 264 0.86 -11.74 25.93
N VAL D 265 1.02 -12.94 25.35
CA VAL D 265 1.57 -14.11 26.05
C VAL D 265 2.41 -14.97 25.16
N ALA D 266 3.56 -15.38 25.68
CA ALA D 266 4.42 -16.38 25.04
C ALA D 266 4.71 -17.48 26.03
N ILE D 267 5.02 -18.65 25.51
CA ILE D 267 5.26 -19.82 26.34
C ILE D 267 6.40 -20.59 25.72
N ILE D 268 7.21 -21.20 26.57
CA ILE D 268 8.15 -22.26 26.14
C ILE D 268 8.19 -23.38 27.14
N SER D 269 8.73 -24.50 26.71
CA SER D 269 8.80 -25.66 27.55
C SER D 269 10.03 -26.50 27.20
N TRP D 270 10.46 -27.34 28.12
CA TRP D 270 11.36 -28.45 27.85
C TRP D 270 11.18 -29.57 28.89
N GLY D 271 11.80 -30.71 28.60
CA GLY D 271 11.79 -31.88 29.48
C GLY D 271 10.54 -32.74 29.33
N SER D 272 10.32 -33.60 30.29
CA SER D 272 9.20 -34.54 30.25
C SER D 272 8.86 -34.94 31.64
N PHE D 273 7.66 -35.49 31.78
CA PHE D 273 7.11 -35.97 33.03
C PHE D 273 7.92 -37.19 33.51
N ALA D 274 8.36 -38.00 32.56
CA ALA D 274 9.13 -39.21 32.83
C ALA D 274 10.56 -38.95 33.31
N ASN D 275 11.00 -37.68 33.26
CA ASN D 275 12.39 -37.28 33.49
C ASN D 275 12.53 -36.01 34.33
N ASN D 276 11.83 -35.97 35.45
CA ASN D 276 11.84 -34.80 36.36
C ASN D 276 11.55 -33.44 35.68
N GLY D 277 10.67 -33.48 34.69
CA GLY D 277 10.19 -32.29 34.00
C GLY D 277 8.68 -32.36 34.01
N PRO D 278 7.99 -31.53 33.20
CA PRO D 278 8.63 -30.58 32.33
C PRO D 278 8.94 -29.29 33.10
N ASP D 279 9.58 -28.37 32.40
CA ASP D 279 9.68 -26.98 32.81
C ASP D 279 8.93 -26.15 31.79
N LEU D 280 8.18 -25.17 32.26
CA LEU D 280 7.48 -24.26 31.37
C LEU D 280 7.85 -22.86 31.83
N ARG D 281 7.99 -21.92 30.90
CA ARG D 281 8.21 -20.49 31.22
C ARG D 281 7.17 -19.65 30.47
N LEU D 282 6.37 -18.86 31.20
CA LEU D 282 5.36 -17.94 30.61
C LEU D 282 5.91 -16.54 30.63
N TYR D 283 5.59 -15.75 29.60
CA TYR D 283 5.95 -14.32 29.55
C TYR D 283 4.79 -13.41 29.12
N PHE D 284 4.74 -12.22 29.75
CA PHE D 284 3.55 -11.38 29.69
C PHE D 284 3.84 -10.04 30.34
N GLN D 285 2.83 -9.20 30.43
CA GLN D 285 2.94 -7.96 31.20
C GLN D 285 1.88 -7.99 32.27
N ASN D 286 2.28 -7.97 33.54
CA ASN D 286 1.25 -7.96 34.60
C ASN D 286 1.17 -6.61 35.36
N GLY D 287 1.87 -5.62 34.80
CA GLY D 287 1.92 -4.28 35.35
C GLY D 287 3.14 -4.02 36.23
N THR D 288 4.12 -4.91 36.22
CA THR D 288 5.32 -4.64 36.98
C THR D 288 6.08 -3.52 36.22
N TYR D 289 6.69 -2.63 37.00
CA TYR D 289 7.12 -1.28 36.51
C TYR D 289 6.24 -0.63 35.43
N ILE D 290 4.92 -0.76 35.60
CA ILE D 290 3.93 -0.41 34.59
C ILE D 290 4.01 -1.31 33.35
N SER D 291 5.15 -1.26 32.65
CA SER D 291 5.23 -1.79 31.28
C SER D 291 6.30 -2.88 31.06
N ALA D 292 6.92 -3.37 32.14
CA ALA D 292 7.94 -4.42 32.03
C ALA D 292 7.32 -5.77 31.74
N VAL D 293 8.05 -6.63 31.05
CA VAL D 293 7.69 -8.03 30.80
C VAL D 293 8.05 -8.85 32.07
N SER D 294 7.11 -9.70 32.50
CA SER D 294 7.23 -10.53 33.73
C SER D 294 7.29 -12.00 33.35
N GLU D 295 7.89 -12.82 34.23
CA GLU D 295 8.00 -14.27 34.03
C GLU D 295 7.17 -15.11 35.04
N TRP D 296 6.54 -16.17 34.53
CA TRP D 296 5.96 -17.21 35.39
C TRP D 296 6.70 -18.49 35.08
N VAL D 297 6.81 -19.35 36.10
CA VAL D 297 7.69 -20.53 36.08
C VAL D 297 6.90 -21.77 36.54
N TRP D 298 6.91 -22.85 35.77
CA TRP D 298 6.56 -24.15 36.34
C TRP D 298 7.74 -25.07 36.16
N ASN D 299 8.08 -25.80 37.22
CA ASN D 299 9.01 -26.95 37.17
C ASN D 299 8.67 -27.97 38.27
N ARG D 300 9.37 -29.10 38.25
CA ARG D 300 8.95 -30.24 39.09
C ARG D 300 9.20 -30.03 40.57
N ALA D 301 10.30 -29.37 40.92
CA ALA D 301 10.67 -29.13 42.34
C ALA D 301 9.72 -28.20 43.10
N HIS D 302 9.33 -27.08 42.48
CA HIS D 302 8.61 -25.98 43.17
C HIS D 302 7.22 -25.64 42.57
N GLY D 303 6.76 -26.41 41.58
CA GLY D 303 5.45 -26.18 40.95
C GLY D 303 5.30 -24.79 40.34
N SER D 304 4.10 -24.24 40.42
CA SER D 304 3.80 -22.94 39.84
C SER D 304 4.38 -21.80 40.69
N GLN D 305 5.26 -20.96 40.08
CA GLN D 305 5.90 -19.85 40.80
C GLN D 305 6.06 -18.63 39.91
N LEU D 306 5.65 -17.47 40.42
CA LEU D 306 6.03 -16.23 39.79
C LEU D 306 7.57 -16.19 39.74
N GLY D 307 8.11 -15.96 38.56
CA GLY D 307 9.54 -15.95 38.38
C GLY D 307 10.05 -14.54 38.42
N ARG D 308 10.85 -14.21 37.42
CA ARG D 308 11.47 -12.90 37.28
C ARG D 308 10.47 -11.78 36.95
N SER D 309 10.46 -10.78 37.83
CA SER D 309 9.42 -9.74 37.88
C SER D 309 9.44 -8.78 36.71
N ALA D 310 10.65 -8.38 36.36
CA ALA D 310 10.86 -7.34 35.41
C ALA D 310 12.06 -7.71 34.59
N LEU D 311 11.78 -8.35 33.45
CA LEU D 311 12.81 -8.81 32.56
C LEU D 311 13.60 -7.59 32.15
N PRO D 312 14.87 -7.79 31.76
CA PRO D 312 15.63 -6.69 31.23
C PRO D 312 14.98 -6.20 29.91
N PRO D 313 15.09 -4.90 29.57
CA PRO D 313 15.93 -3.83 30.14
C PRO D 313 15.38 -3.11 31.37
N ALA D 314 14.29 -3.60 31.94
CA ALA D 314 13.70 -2.98 33.11
C ALA D 314 14.73 -2.70 34.18
#